data_6H14
#
_entry.id   6H14
#
_cell.length_a   91.591
_cell.length_b   107.926
_cell.length_c   150.698
_cell.angle_alpha   90.00
_cell.angle_beta   90.00
_cell.angle_gamma   90.00
#
_symmetry.space_group_name_H-M   'P 21 21 21'
#
loop_
_entity.id
_entity.type
_entity.pdbx_description
1 polymer Acetylcholinesterase
2 branched 2-acetamido-2-deoxy-beta-D-glucopyranose-(1-4)-2-acetamido-2-deoxy-beta-D-glucopyranose
3 non-polymer 2-acetamido-2-deoxy-beta-D-glucopyranose
4 non-polymer 1,2-ETHANEDIOL
5 non-polymer DI(HYDROXYETHYL)ETHER
6 non-polymer GLYCEROL
7 non-polymer 1-[(10~{b}~{S})-6-oxidanylidene-2,3,4,10~{b}-tetrahydro-1~{H}-pyrido[2,1-a]isoindol-10-yl]-3-[4-[1-[2-(1,2,3,4-tetrahydroacridin-9-ylamino)ethyl]-1,2,3-triazol-4-yl]pyridin-2-yl]urea
8 non-polymer 'TRIETHYLENE GLYCOL'
9 non-polymer 'SULFATE ION'
10 non-polymer 'CHLORIDE ION'
11 non-polymer '2-(N-MORPHOLINO)-ETHANESULFONIC ACID'
12 water water
#
_entity_poly.entity_id   1
_entity_poly.type   'polypeptide(L)'
_entity_poly.pdbx_seq_one_letter_code
;DDHSELLVNTKSGKVMGTRVPVLSSHISAFLGIPFAEPPVGNMRFRRPEPKKPWSGVWNASTYPNNCQQYVDEQFPGFSG
SEMWNPNREMSEDCLYLNIWVPSPRPKSTTVMVWIYGGGFYSGSSTLDVYNGKYLAYTEEVVLVSLSYRVGAFGFLALHG
SQEAPGNVGLLDQRMALQWVHDNIQFFGGDPKTVTIFGESAGGASVGMHILSPGSRDLFRRAILQSGSPNCPWASVSVAE
GRRRAVELGRNLNCNLNSDEELIHCLREKKPQELIDVEWNVLPFDSIFRFSFVPVIDGEFFPTSLESMLNSGNFKKTQIL
LGVNKDEGSFFLLYGAPGFSKDSESKISREDFMSGVKLSVPHANDLGLDAVTLQYTDWMDDNNGIKNRDGLDDIVGDHNV
ICPLMHFVNKYTKFGNGTYLYFFNHRASNLVWPEWMGVIHGYEIEFVFGLPLVKELNYTAEEEALSRRIMHYWATFAKTG
NPNEPHSQESKWPLFTTKEQKFIDLNTEPMKVHQRLRVQMCVFWNQFLPKLLNATACDGELSSSGTSSSKGIIFYVLFSI
LYLIF
;
_entity_poly.pdbx_strand_id   A,B
#
loop_
_chem_comp.id
_chem_comp.type
_chem_comp.name
_chem_comp.formula
CL non-polymer 'CHLORIDE ION' 'Cl -1'
EDO non-polymer 1,2-ETHANEDIOL 'C2 H6 O2'
FW8 non-polymer 1-[(10~{b}~{S})-6-oxidanylidene-2,3,4,10~{b}-tetrahydro-1~{H}-pyrido[2,1-a]isoindol-10-yl]-3-[4-[1-[2-(1,2,3,4-tetrahydroacridin-9-ylamino)ethyl]-1,2,3-triazol-4-yl]pyridin-2-yl]urea 'C35 H35 N9 O2'
GOL non-polymer GLYCEROL 'C3 H8 O3'
MES non-polymer '2-(N-MORPHOLINO)-ETHANESULFONIC ACID' 'C6 H13 N O4 S'
NAG D-saccharide, beta linking 2-acetamido-2-deoxy-beta-D-glucopyranose 'C8 H15 N O6'
PEG non-polymer DI(HYDROXYETHYL)ETHER 'C4 H10 O3'
PGE non-polymer 'TRIETHYLENE GLYCOL' 'C6 H14 O4'
SO4 non-polymer 'SULFATE ION' 'O4 S -2'
#
# COMPACT_ATOMS: atom_id res chain seq x y z
N SER A 4 -3.12 41.35 -0.36
CA SER A 4 -2.89 42.07 -1.61
C SER A 4 -1.54 41.65 -2.17
N GLU A 5 -0.49 42.31 -1.67
CA GLU A 5 0.87 41.83 -1.92
C GLU A 5 1.12 40.51 -1.19
N LEU A 6 0.43 40.31 -0.06
CA LEU A 6 0.60 39.10 0.74
C LEU A 6 -0.46 38.05 0.49
N LEU A 7 -1.47 38.34 -0.35
CA LEU A 7 -2.53 37.39 -0.64
C LEU A 7 -2.37 36.93 -2.08
N VAL A 8 -2.01 35.67 -2.26
CA VAL A 8 -1.72 35.11 -3.58
C VAL A 8 -2.63 33.92 -3.81
N ASN A 9 -3.25 33.86 -4.98
CA ASN A 9 -4.08 32.73 -5.37
C ASN A 9 -3.26 31.81 -6.26
N THR A 10 -3.06 30.58 -5.81
CA THR A 10 -2.30 29.60 -6.57
C THR A 10 -3.23 28.56 -7.17
N LYS A 11 -2.65 27.66 -7.97
CA LYS A 11 -3.46 26.64 -8.63
C LYS A 11 -4.07 25.66 -7.65
N SER A 12 -3.56 25.58 -6.42
CA SER A 12 -4.16 24.72 -5.41
C SER A 12 -4.97 25.50 -4.37
N GLY A 13 -5.04 26.82 -4.46
CA GLY A 13 -5.80 27.60 -3.49
C GLY A 13 -5.09 28.86 -3.05
N LYS A 14 -5.75 29.64 -2.19
CA LYS A 14 -5.23 30.92 -1.75
C LYS A 14 -4.25 30.77 -0.59
N VAL A 15 -3.20 31.60 -0.61
CA VAL A 15 -2.18 31.64 0.44
CA VAL A 15 -2.21 31.65 0.46
C VAL A 15 -2.06 33.09 0.93
N MET A 16 -1.91 33.27 2.23
CA MET A 16 -1.66 34.58 2.82
C MET A 16 -0.30 34.56 3.50
N GLY A 17 0.64 35.35 2.98
CA GLY A 17 1.96 35.47 3.57
C GLY A 17 2.01 36.56 4.62
N THR A 18 3.24 36.85 5.05
CA THR A 18 3.49 37.82 6.12
C THR A 18 4.60 38.76 5.69
N ARG A 19 4.53 40.01 6.17
CA ARG A 19 5.54 41.01 5.88
CA ARG A 19 5.54 41.01 5.88
C ARG A 19 6.64 40.90 6.93
N VAL A 20 7.88 40.69 6.48
CA VAL A 20 8.99 40.39 7.38
C VAL A 20 10.04 41.49 7.30
N PRO A 21 10.64 41.91 8.42
CA PRO A 21 11.74 42.88 8.33
C PRO A 21 13.01 42.23 7.83
N VAL A 22 13.78 42.99 7.05
CA VAL A 22 15.11 42.56 6.63
C VAL A 22 15.99 43.79 6.44
N LEU A 23 17.07 43.87 7.21
CA LEU A 23 18.13 44.88 7.04
C LEU A 23 17.56 46.28 6.82
N SER A 24 16.78 46.74 7.81
CA SER A 24 16.18 48.07 7.80
C SER A 24 15.15 48.26 6.70
N SER A 25 14.65 47.16 6.13
CA SER A 25 13.60 47.21 5.12
C SER A 25 12.63 46.06 5.40
N HIS A 26 11.84 45.67 4.41
CA HIS A 26 10.89 44.57 4.56
C HIS A 26 10.77 43.83 3.24
N ILE A 27 10.36 42.56 3.31
CA ILE A 27 9.99 41.77 2.16
C ILE A 27 8.86 40.83 2.56
N SER A 28 8.31 40.11 1.59
CA SER A 28 7.19 39.21 1.81
C SER A 28 7.68 37.77 1.99
N ALA A 29 7.14 37.09 3.00
CA ALA A 29 7.45 35.68 3.25
C ALA A 29 6.17 34.86 3.20
N PHE A 30 6.22 33.76 2.46
CA PHE A 30 5.14 32.78 2.43
C PHE A 30 5.73 31.47 2.98
N LEU A 31 5.45 31.17 4.23
CA LEU A 31 6.08 30.06 4.93
C LEU A 31 5.14 28.87 5.04
N GLY A 32 5.67 27.68 4.78
CA GLY A 32 4.92 26.44 4.99
C GLY A 32 3.79 26.19 4.02
N ILE A 33 3.99 26.48 2.73
CA ILE A 33 2.99 26.16 1.71
C ILE A 33 3.05 24.68 1.39
N PRO A 34 1.93 23.96 1.44
CA PRO A 34 1.96 22.52 1.13
C PRO A 34 2.08 22.29 -0.36
N PHE A 35 2.92 21.33 -0.74
CA PHE A 35 3.04 20.97 -2.15
C PHE A 35 2.72 19.51 -2.39
N ALA A 36 2.34 18.78 -1.35
CA ALA A 36 2.10 17.35 -1.40
C ALA A 36 0.98 17.01 -0.43
N GLU A 37 0.25 15.94 -0.74
CA GLU A 37 -0.58 15.33 0.28
C GLU A 37 0.33 14.81 1.40
N PRO A 38 -0.08 14.93 2.66
CA PRO A 38 0.75 14.38 3.77
C PRO A 38 1.02 12.91 3.56
N PRO A 39 2.32 12.50 3.55
CA PRO A 39 2.68 11.11 3.24
C PRO A 39 2.61 10.22 4.49
N VAL A 40 1.43 10.12 5.07
CA VAL A 40 1.23 9.52 6.38
C VAL A 40 0.39 8.25 6.24
N GLY A 41 0.37 7.47 7.31
CA GLY A 41 -0.45 6.26 7.32
C GLY A 41 -0.04 5.30 6.23
N ASN A 42 -1.02 4.90 5.41
CA ASN A 42 -0.78 4.00 4.30
C ASN A 42 0.12 4.61 3.22
N MET A 43 0.37 5.91 3.27
CA MET A 43 1.21 6.56 2.29
CA MET A 43 1.21 6.57 2.29
C MET A 43 2.68 6.60 2.70
N ARG A 44 3.02 6.13 3.90
CA ARG A 44 4.42 6.03 4.29
C ARG A 44 5.15 5.14 3.28
N PHE A 45 6.31 5.60 2.82
CA PHE A 45 7.21 4.99 1.84
C PHE A 45 6.72 5.12 0.40
N ARG A 46 5.53 5.64 0.16
CA ARG A 46 4.99 5.74 -1.20
CA ARG A 46 5.00 5.74 -1.20
C ARG A 46 5.45 7.02 -1.89
N ARG A 47 5.39 7.00 -3.22
CA ARG A 47 5.64 8.22 -3.97
C ARG A 47 4.68 9.31 -3.50
N PRO A 48 5.10 10.57 -3.54
CA PRO A 48 4.19 11.63 -3.12
C PRO A 48 3.08 11.82 -4.15
N GLU A 49 1.95 12.35 -3.66
CA GLU A 49 0.80 12.74 -4.46
C GLU A 49 0.60 14.24 -4.38
N PRO A 50 0.18 14.89 -5.48
CA PRO A 50 -0.07 16.33 -5.46
C PRO A 50 -1.03 16.72 -4.35
N LYS A 51 -0.81 17.90 -3.77
CA LYS A 51 -1.70 18.43 -2.74
C LYS A 51 -3.07 18.71 -3.34
N LYS A 52 -4.11 18.13 -2.75
CA LYS A 52 -5.46 18.44 -3.20
C LYS A 52 -5.79 19.91 -2.91
N PRO A 53 -6.46 20.60 -3.84
CA PRO A 53 -6.84 22.00 -3.59
C PRO A 53 -7.62 22.17 -2.30
N TRP A 54 -7.42 23.32 -1.66
CA TRP A 54 -8.13 23.67 -0.44
C TRP A 54 -8.99 24.91 -0.71
N SER A 55 -10.08 25.03 0.06
CA SER A 55 -10.83 26.26 0.03
C SER A 55 -10.36 27.17 1.18
N GLY A 56 -10.75 28.42 1.11
CA GLY A 56 -10.28 29.36 2.11
C GLY A 56 -8.83 29.74 1.90
N VAL A 57 -8.26 30.38 2.91
CA VAL A 57 -6.94 31.00 2.81
C VAL A 57 -5.96 30.19 3.65
N TRP A 58 -4.94 29.64 2.99
CA TRP A 58 -3.87 28.97 3.72
C TRP A 58 -3.03 30.02 4.44
N ASN A 59 -2.90 29.86 5.74
CA ASN A 59 -2.10 30.76 6.58
C ASN A 59 -0.63 30.37 6.42
N ALA A 60 0.11 31.16 5.65
CA ALA A 60 1.53 30.93 5.38
C ALA A 60 2.40 31.92 6.14
N SER A 61 2.06 32.15 7.40
CA SER A 61 2.80 33.09 8.24
C SER A 61 3.84 32.42 9.10
N THR A 62 3.89 31.08 9.13
CA THR A 62 4.67 30.33 10.11
C THR A 62 5.42 29.17 9.44
N TYR A 63 6.65 28.93 9.89
CA TYR A 63 7.42 27.80 9.36
C TYR A 63 6.64 26.48 9.55
N PRO A 64 6.79 25.52 8.64
CA PRO A 64 6.13 24.21 8.80
C PRO A 64 6.88 23.30 9.78
N ASN A 65 6.29 22.13 10.02
CA ASN A 65 6.98 21.03 10.69
C ASN A 65 8.21 20.61 9.90
N ASN A 66 9.15 19.96 10.59
CA ASN A 66 10.29 19.31 9.94
C ASN A 66 10.02 17.81 9.81
N CYS A 67 10.64 17.18 8.81
CA CYS A 67 10.42 15.75 8.63
C CYS A 67 11.06 14.97 9.77
N GLN A 68 10.57 13.74 9.98
CA GLN A 68 11.05 12.90 11.06
C GLN A 68 12.48 12.47 10.79
N GLN A 69 13.34 12.55 11.81
CA GLN A 69 14.76 12.29 11.58
C GLN A 69 15.46 12.02 12.90
N TYR A 70 16.61 11.37 12.80
CA TYR A 70 17.53 11.19 13.92
C TYR A 70 18.07 12.55 14.35
N VAL A 71 17.81 12.91 15.60
CA VAL A 71 18.26 14.18 16.17
C VAL A 71 19.62 13.98 16.83
N ASP A 72 20.57 14.84 16.50
CA ASP A 72 21.95 14.72 17.00
C ASP A 72 22.05 15.21 18.43
N GLU A 73 22.43 14.35 19.37
CA GLU A 73 22.59 14.69 20.78
CA GLU A 73 22.62 14.83 20.74
C GLU A 73 24.02 14.57 21.25
N GLN A 74 25.01 14.55 20.35
CA GLN A 74 26.39 14.37 20.80
C GLN A 74 26.85 15.54 21.65
N PHE A 75 26.44 16.76 21.30
CA PHE A 75 26.85 17.98 21.99
C PHE A 75 25.61 18.77 22.40
N PRO A 76 24.88 18.29 23.41
CA PRO A 76 23.58 18.91 23.72
C PRO A 76 23.76 20.37 24.11
N GLY A 77 22.96 21.24 23.50
CA GLY A 77 23.02 22.65 23.81
C GLY A 77 24.16 23.40 23.17
N PHE A 78 25.03 22.73 22.42
CA PHE A 78 26.14 23.39 21.76
C PHE A 78 25.67 23.91 20.40
N SER A 79 25.80 25.23 20.19
CA SER A 79 25.22 25.85 19.00
C SER A 79 25.78 25.27 17.70
N GLY A 80 27.06 24.86 17.71
CA GLY A 80 27.69 24.37 16.49
C GLY A 80 26.99 23.14 15.94
N SER A 81 26.46 22.30 16.81
CA SER A 81 25.70 21.12 16.38
C SER A 81 24.19 21.37 16.40
N GLU A 82 23.68 22.09 17.39
CA GLU A 82 22.24 22.37 17.46
C GLU A 82 21.75 23.17 16.25
N MET A 83 22.61 24.00 15.65
CA MET A 83 22.16 24.80 14.50
C MET A 83 21.72 23.95 13.31
N TRP A 84 22.00 22.65 13.32
CA TRP A 84 21.60 21.77 12.22
C TRP A 84 20.39 20.91 12.55
N ASN A 85 20.02 20.82 13.82
CA ASN A 85 18.92 19.98 14.25
C ASN A 85 17.58 20.63 13.93
N PRO A 86 16.51 19.84 13.86
CA PRO A 86 15.18 20.42 13.62
C PRO A 86 14.86 21.45 14.68
N ASN A 87 14.36 22.63 14.24
CA ASN A 87 13.99 23.69 15.15
C ASN A 87 12.48 23.89 15.19
N ARG A 88 11.75 23.01 14.51
CA ARG A 88 10.32 22.93 14.57
CA ARG A 88 10.31 22.92 14.54
C ARG A 88 9.92 21.52 15.00
N GLU A 89 8.64 21.33 15.28
CA GLU A 89 8.15 20.01 15.64
C GLU A 89 8.38 19.05 14.49
N MET A 90 8.78 17.81 14.79
CA MET A 90 8.95 16.80 13.75
C MET A 90 7.63 16.09 13.48
N SER A 91 7.36 15.81 12.21
CA SER A 91 6.12 15.14 11.80
C SER A 91 6.33 14.50 10.45
N GLU A 92 5.66 13.38 10.20
CA GLU A 92 5.65 12.86 8.84
C GLU A 92 4.89 13.77 7.90
N ASP A 93 4.00 14.59 8.44
CA ASP A 93 3.30 15.62 7.69
C ASP A 93 4.26 16.81 7.57
N CYS A 94 5.18 16.72 6.60
CA CYS A 94 6.26 17.70 6.53
C CYS A 94 6.54 18.21 5.12
N LEU A 95 5.70 17.92 4.13
CA LEU A 95 6.03 18.27 2.74
C LEU A 95 5.51 19.67 2.44
N TYR A 96 6.34 20.66 2.76
CA TYR A 96 6.01 22.07 2.61
C TYR A 96 7.19 22.80 2.00
N LEU A 97 6.92 24.00 1.47
CA LEU A 97 7.97 24.84 0.94
C LEU A 97 7.75 26.28 1.41
N ASN A 98 8.82 27.07 1.33
CA ASN A 98 8.83 28.44 1.82
C ASN A 98 9.29 29.37 0.71
N ILE A 99 8.75 30.59 0.68
CA ILE A 99 9.06 31.54 -0.39
C ILE A 99 9.29 32.92 0.18
N TRP A 100 10.42 33.54 -0.20
CA TRP A 100 10.68 34.95 0.05
C TRP A 100 10.60 35.74 -1.25
N VAL A 101 9.81 36.82 -1.25
CA VAL A 101 9.51 37.60 -2.45
C VAL A 101 9.90 39.04 -2.19
N PRO A 102 10.72 39.66 -3.06
CA PRO A 102 11.05 41.08 -2.87
C PRO A 102 9.79 41.94 -2.83
N SER A 103 9.88 43.07 -2.13
CA SER A 103 8.77 44.02 -2.01
C SER A 103 9.21 45.39 -2.51
N PRO A 104 8.50 45.94 -3.52
CA PRO A 104 7.30 45.42 -4.16
C PRO A 104 7.54 44.16 -5.00
N ARG A 105 6.49 43.38 -5.25
CA ARG A 105 6.63 42.14 -5.99
C ARG A 105 7.17 42.41 -7.39
N PRO A 106 8.26 41.79 -7.80
CA PRO A 106 8.78 41.99 -9.16
C PRO A 106 7.86 41.34 -10.18
N LYS A 107 8.11 41.64 -11.46
CA LYS A 107 7.24 41.17 -12.51
C LYS A 107 7.49 39.70 -12.84
N SER A 108 8.71 39.38 -13.25
CA SER A 108 9.05 38.01 -13.61
C SER A 108 10.54 37.75 -13.43
N THR A 109 10.98 37.56 -12.19
CA THR A 109 12.40 37.57 -11.86
C THR A 109 12.94 36.16 -11.63
N THR A 110 14.28 36.08 -11.59
CA THR A 110 14.98 34.82 -11.34
C THR A 110 14.54 34.15 -10.04
N VAL A 111 14.41 32.83 -10.09
CA VAL A 111 14.03 32.01 -8.94
C VAL A 111 15.22 31.14 -8.56
N MET A 112 15.48 31.03 -7.25
CA MET A 112 16.46 30.08 -6.71
C MET A 112 15.78 29.18 -5.70
N VAL A 113 15.96 27.86 -5.85
CA VAL A 113 15.28 26.86 -5.04
C VAL A 113 16.34 26.08 -4.25
N TRP A 114 16.31 26.23 -2.92
CA TRP A 114 17.30 25.61 -2.03
C TRP A 114 16.88 24.19 -1.63
N ILE A 115 17.82 23.25 -1.70
CA ILE A 115 17.61 21.87 -1.30
C ILE A 115 18.58 21.57 -0.16
N TYR A 116 18.06 21.38 1.06
CA TYR A 116 18.95 21.17 2.20
C TYR A 116 19.69 19.83 2.11
N GLY A 117 20.86 19.79 2.76
CA GLY A 117 21.62 18.56 2.96
C GLY A 117 21.36 17.93 4.31
N GLY A 118 22.23 16.99 4.70
CA GLY A 118 22.02 16.19 5.90
C GLY A 118 22.10 14.70 5.65
N GLY A 119 22.89 14.31 4.65
CA GLY A 119 23.18 12.90 4.39
C GLY A 119 22.00 12.06 3.95
N PHE A 120 20.91 12.68 3.51
CA PHE A 120 19.64 12.03 3.18
C PHE A 120 18.96 11.42 4.42
N TYR A 121 19.49 11.62 5.62
CA TYR A 121 18.87 11.09 6.84
C TYR A 121 18.34 12.19 7.75
N SER A 122 18.67 13.45 7.47
CA SER A 122 18.34 14.58 8.34
C SER A 122 18.23 15.83 7.46
N GLY A 123 17.90 16.95 8.11
CA GLY A 123 17.83 18.20 7.38
C GLY A 123 16.47 18.85 7.58
N SER A 124 16.43 20.19 7.49
CA SER A 124 15.22 20.95 7.66
C SER A 124 15.29 22.18 6.78
N SER A 125 14.16 22.59 6.20
CA SER A 125 14.18 23.83 5.42
C SER A 125 14.26 25.07 6.30
N THR A 126 14.05 24.93 7.61
CA THR A 126 13.76 26.04 8.52
C THR A 126 14.96 26.47 9.36
N LEU A 127 16.14 25.95 9.10
CA LEU A 127 17.30 26.33 9.88
C LEU A 127 17.59 27.81 9.72
N ASP A 128 18.16 28.41 10.77
CA ASP A 128 18.50 29.83 10.74
C ASP A 128 19.42 30.17 9.56
N VAL A 129 20.40 29.30 9.25
CA VAL A 129 21.31 29.62 8.15
C VAL A 129 20.67 29.47 6.77
N TYR A 130 19.45 28.93 6.68
CA TYR A 130 18.75 28.86 5.40
C TYR A 130 17.69 29.95 5.25
N ASN A 131 17.71 30.95 6.12
CA ASN A 131 16.72 32.04 6.03
C ASN A 131 16.89 32.77 4.72
N GLY A 132 15.86 32.72 3.86
CA GLY A 132 16.02 33.24 2.51
C GLY A 132 15.92 34.73 2.33
N LYS A 133 15.70 35.48 3.42
CA LYS A 133 15.29 36.87 3.26
C LYS A 133 16.43 37.79 2.85
N TYR A 134 17.66 37.52 3.31
CA TYR A 134 18.76 38.42 2.96
C TYR A 134 19.12 38.30 1.49
N LEU A 135 19.13 37.06 0.97
CA LEU A 135 19.44 36.86 -0.43
C LEU A 135 18.32 37.36 -1.34
N ALA A 136 17.06 37.07 -0.98
CA ALA A 136 15.93 37.58 -1.74
C ALA A 136 15.95 39.10 -1.81
N TYR A 137 16.15 39.74 -0.66
CA TYR A 137 16.17 41.20 -0.61
C TYR A 137 17.39 41.76 -1.35
N THR A 138 18.60 41.28 -1.02
CA THR A 138 19.82 41.91 -1.51
C THR A 138 19.97 41.74 -3.02
N GLU A 139 19.62 40.57 -3.54
CA GLU A 139 19.84 40.27 -4.95
C GLU A 139 18.56 40.34 -5.78
N GLU A 140 17.42 40.64 -5.15
CA GLU A 140 16.15 40.79 -5.85
CA GLU A 140 16.14 40.78 -5.83
C GLU A 140 15.80 39.50 -6.60
N VAL A 141 15.80 38.38 -5.87
CA VAL A 141 15.40 37.10 -6.42
C VAL A 141 14.24 36.56 -5.58
N VAL A 142 13.45 35.69 -6.20
CA VAL A 142 12.45 34.91 -5.47
C VAL A 142 13.15 33.66 -4.95
N LEU A 143 13.21 33.52 -3.64
CA LEU A 143 13.96 32.43 -2.99
C LEU A 143 12.99 31.43 -2.38
N VAL A 144 13.09 30.18 -2.83
CA VAL A 144 12.25 29.09 -2.38
C VAL A 144 13.12 28.09 -1.63
N SER A 145 12.65 27.59 -0.48
CA SER A 145 13.27 26.42 0.12
C SER A 145 12.24 25.30 0.17
N LEU A 146 12.61 24.12 -0.35
CA LEU A 146 11.71 22.99 -0.36
C LEU A 146 12.02 22.07 0.83
N SER A 147 11.26 20.99 0.95
CA SER A 147 11.57 19.93 1.90
C SER A 147 11.35 18.59 1.23
N TYR A 148 11.83 17.53 1.87
CA TYR A 148 11.71 16.19 1.32
C TYR A 148 11.93 15.18 2.43
N ARG A 149 11.24 14.04 2.34
CA ARG A 149 11.37 13.01 3.35
C ARG A 149 12.81 12.48 3.40
N VAL A 150 13.30 12.23 4.61
CA VAL A 150 14.65 11.70 4.80
C VAL A 150 14.57 10.36 5.54
N GLY A 151 15.73 9.70 5.67
CA GLY A 151 15.78 8.39 6.30
C GLY A 151 14.93 7.35 5.58
N ALA A 152 14.48 6.35 6.35
CA ALA A 152 13.63 5.31 5.79
C ALA A 152 12.38 5.91 5.15
N PHE A 153 11.83 6.98 5.74
CA PHE A 153 10.59 7.56 5.24
C PHE A 153 10.77 8.05 3.80
N GLY A 154 11.97 8.47 3.46
CA GLY A 154 12.25 8.96 2.13
C GLY A 154 12.97 8.00 1.21
N PHE A 155 13.65 6.96 1.75
CA PHE A 155 14.54 6.20 0.89
C PHE A 155 14.57 4.69 1.16
N LEU A 156 13.72 4.17 2.04
CA LEU A 156 13.50 2.73 2.09
C LEU A 156 13.18 2.22 0.69
N ALA A 157 13.94 1.23 0.22
CA ALA A 157 13.85 0.80 -1.17
C ALA A 157 13.65 -0.71 -1.23
N LEU A 158 12.48 -1.13 -1.68
CA LEU A 158 12.19 -2.53 -1.97
C LEU A 158 11.81 -2.60 -3.45
N HIS A 159 12.84 -2.61 -4.31
CA HIS A 159 12.65 -2.48 -5.74
C HIS A 159 11.74 -3.59 -6.28
N GLY A 160 10.74 -3.17 -7.07
CA GLY A 160 9.70 -4.05 -7.55
C GLY A 160 8.37 -3.81 -6.85
N SER A 161 8.41 -3.36 -5.60
CA SER A 161 7.21 -2.91 -4.93
C SER A 161 6.87 -1.49 -5.37
N GLN A 162 5.60 -1.24 -5.63
CA GLN A 162 5.16 0.14 -5.78
C GLN A 162 4.78 0.75 -4.44
N GLU A 163 4.78 -0.04 -3.35
CA GLU A 163 4.42 0.51 -2.05
C GLU A 163 5.61 1.16 -1.35
N ALA A 164 6.82 0.67 -1.61
CA ALA A 164 8.05 1.28 -1.12
C ALA A 164 9.12 1.14 -2.21
N PRO A 165 8.99 1.91 -3.30
CA PRO A 165 9.89 1.73 -4.45
C PRO A 165 11.30 2.27 -4.25
N GLY A 166 11.53 3.09 -3.23
CA GLY A 166 12.76 3.84 -3.12
C GLY A 166 12.66 5.18 -3.83
N ASN A 167 13.63 6.04 -3.52
CA ASN A 167 13.80 7.37 -4.11
C ASN A 167 12.64 8.32 -3.86
N VAL A 168 11.74 8.05 -2.91
CA VAL A 168 10.57 8.91 -2.87
C VAL A 168 10.91 10.28 -2.32
N GLY A 169 11.99 10.41 -1.54
CA GLY A 169 12.43 11.74 -1.15
C GLY A 169 12.93 12.57 -2.32
N LEU A 170 13.56 11.93 -3.31
CA LEU A 170 13.88 12.67 -4.54
C LEU A 170 12.61 13.07 -5.29
N LEU A 171 11.59 12.21 -5.26
CA LEU A 171 10.34 12.56 -5.90
C LEU A 171 9.61 13.67 -5.15
N ASP A 172 9.77 13.76 -3.81
CA ASP A 172 9.29 14.93 -3.08
C ASP A 172 9.93 16.19 -3.62
N GLN A 173 11.26 16.17 -3.77
CA GLN A 173 11.95 17.33 -4.33
C GLN A 173 11.36 17.68 -5.70
N ARG A 174 11.21 16.66 -6.56
CA ARG A 174 10.69 16.90 -7.90
C ARG A 174 9.28 17.48 -7.86
N MET A 175 8.43 17.01 -6.93
CA MET A 175 7.08 17.56 -6.87
C MET A 175 7.09 19.02 -6.42
N ALA A 176 8.04 19.39 -5.55
CA ALA A 176 8.12 20.79 -5.16
C ALA A 176 8.61 21.64 -6.34
N LEU A 177 9.53 21.10 -7.15
CA LEU A 177 9.94 21.79 -8.38
C LEU A 177 8.78 21.90 -9.37
N GLN A 178 7.94 20.86 -9.46
CA GLN A 178 6.76 20.94 -10.30
C GLN A 178 5.83 22.04 -9.82
N TRP A 179 5.66 22.16 -8.50
CA TRP A 179 4.80 23.21 -7.95
C TRP A 179 5.35 24.59 -8.27
N VAL A 180 6.65 24.77 -8.09
CA VAL A 180 7.32 26.02 -8.47
C VAL A 180 7.08 26.30 -9.95
N HIS A 181 7.29 25.29 -10.81
CA HIS A 181 7.06 25.46 -12.25
C HIS A 181 5.65 25.95 -12.53
N ASP A 182 4.66 25.42 -11.80
CA ASP A 182 3.25 25.72 -12.05
C ASP A 182 2.75 26.98 -11.38
N ASN A 183 3.41 27.42 -10.30
CA ASN A 183 2.85 28.47 -9.46
C ASN A 183 3.75 29.68 -9.22
N ILE A 184 5.05 29.59 -9.47
CA ILE A 184 5.91 30.68 -9.03
C ILE A 184 5.61 31.97 -9.79
N GLN A 185 5.01 31.89 -10.99
CA GLN A 185 4.62 33.11 -11.69
C GLN A 185 3.69 33.97 -10.85
N PHE A 186 2.85 33.36 -10.01
CA PHE A 186 1.93 34.15 -9.18
C PHE A 186 2.65 34.94 -8.10
N PHE A 187 3.91 34.59 -7.81
CA PHE A 187 4.70 35.27 -6.81
C PHE A 187 5.75 36.19 -7.44
N GLY A 188 5.66 36.42 -8.75
CA GLY A 188 6.59 37.28 -9.43
C GLY A 188 7.83 36.59 -9.95
N GLY A 189 7.87 35.26 -9.93
CA GLY A 189 9.02 34.52 -10.40
C GLY A 189 8.82 34.00 -11.82
N ASP A 190 9.95 33.90 -12.54
CA ASP A 190 9.93 33.38 -13.90
C ASP A 190 10.18 31.88 -13.86
N PRO A 191 9.19 31.03 -14.20
CA PRO A 191 9.42 29.58 -14.17
C PRO A 191 10.39 29.06 -15.22
N LYS A 192 10.78 29.88 -16.20
CA LYS A 192 11.81 29.47 -17.16
C LYS A 192 13.22 29.78 -16.71
N THR A 193 13.40 30.43 -15.55
CA THR A 193 14.72 30.83 -15.06
C THR A 193 14.83 30.43 -13.59
N VAL A 194 14.66 29.13 -13.33
CA VAL A 194 14.73 28.55 -11.99
C VAL A 194 16.10 27.91 -11.82
N THR A 195 16.84 28.32 -10.80
CA THR A 195 18.09 27.68 -10.39
C THR A 195 17.84 26.85 -9.15
N ILE A 196 18.22 25.57 -9.19
CA ILE A 196 18.22 24.73 -8.00
C ILE A 196 19.62 24.74 -7.41
N PHE A 197 19.72 24.90 -6.09
CA PHE A 197 21.01 24.87 -5.41
C PHE A 197 20.85 24.15 -4.08
N GLY A 198 21.94 23.53 -3.63
CA GLY A 198 21.91 22.80 -2.38
C GLY A 198 23.32 22.40 -2.01
N GLU A 199 23.47 22.00 -0.75
CA GLU A 199 24.77 21.67 -0.16
C GLU A 199 24.76 20.24 0.36
N SER A 200 25.91 19.56 0.23
CA SER A 200 26.12 18.19 0.73
C SER A 200 25.08 17.28 0.08
N ALA A 201 24.23 16.59 0.84
CA ALA A 201 23.19 15.78 0.20
C ALA A 201 22.30 16.62 -0.71
N GLY A 202 22.14 17.91 -0.41
CA GLY A 202 21.41 18.79 -1.29
C GLY A 202 22.15 19.07 -2.58
N GLY A 203 23.48 19.14 -2.53
CA GLY A 203 24.25 19.25 -3.76
C GLY A 203 24.20 17.97 -4.58
N ALA A 204 24.33 16.81 -3.92
CA ALA A 204 24.17 15.55 -4.64
C ALA A 204 22.78 15.47 -5.27
N SER A 205 21.75 15.93 -4.55
CA SER A 205 20.38 15.94 -5.08
C SER A 205 20.28 16.79 -6.33
N VAL A 206 20.86 18.00 -6.30
CA VAL A 206 20.87 18.85 -7.48
C VAL A 206 21.46 18.10 -8.67
N GLY A 207 22.57 17.41 -8.45
CA GLY A 207 23.17 16.64 -9.53
C GLY A 207 22.29 15.49 -9.98
N MET A 208 21.54 14.88 -9.05
CA MET A 208 20.65 13.78 -9.44
C MET A 208 19.51 14.25 -10.33
N HIS A 209 19.03 15.48 -10.11
CA HIS A 209 18.00 16.04 -10.99
C HIS A 209 18.57 16.42 -12.35
N ILE A 210 19.84 16.80 -12.40
CA ILE A 210 20.51 17.00 -13.69
C ILE A 210 20.52 15.70 -14.48
N LEU A 211 20.76 14.58 -13.80
CA LEU A 211 20.80 13.29 -14.47
C LEU A 211 19.41 12.78 -14.82
N SER A 212 18.42 12.97 -13.97
CA SER A 212 17.18 12.24 -14.08
C SER A 212 16.29 12.83 -15.18
N PRO A 213 15.95 12.06 -16.22
CA PRO A 213 15.04 12.59 -17.27
C PRO A 213 13.76 13.21 -16.75
N GLY A 214 13.14 12.62 -15.73
CA GLY A 214 11.90 13.14 -15.20
C GLY A 214 12.03 14.45 -14.46
N SER A 215 13.25 14.92 -14.19
CA SER A 215 13.46 16.19 -13.50
C SER A 215 13.94 17.31 -14.41
N ARG A 216 14.40 17.00 -15.62
CA ARG A 216 15.24 17.93 -16.37
C ARG A 216 14.46 19.15 -16.85
N ASP A 217 13.17 19.01 -17.10
CA ASP A 217 12.40 20.16 -17.60
C ASP A 217 11.89 21.06 -16.50
N LEU A 218 12.19 20.76 -15.23
CA LEU A 218 11.65 21.50 -14.10
C LEU A 218 12.65 22.50 -13.51
N PHE A 219 13.74 22.80 -14.21
CA PHE A 219 14.65 23.85 -13.80
C PHE A 219 15.54 24.23 -14.98
N ARG A 220 16.19 25.39 -14.85
CA ARG A 220 17.04 25.99 -15.88
C ARG A 220 18.52 25.66 -15.72
N ARG A 221 19.07 25.84 -14.51
CA ARG A 221 20.49 25.67 -14.25
C ARG A 221 20.68 25.33 -12.78
N ALA A 222 21.92 25.09 -12.38
CA ALA A 222 22.15 24.40 -11.10
C ALA A 222 23.42 24.85 -10.41
N ILE A 223 23.39 24.81 -9.07
CA ILE A 223 24.54 25.08 -8.22
C ILE A 223 24.70 23.92 -7.25
N LEU A 224 25.91 23.37 -7.14
CA LEU A 224 26.20 22.25 -6.26
C LEU A 224 27.26 22.66 -5.25
N GLN A 225 26.94 22.62 -3.95
CA GLN A 225 27.88 23.01 -2.91
C GLN A 225 28.31 21.77 -2.12
N SER A 226 29.58 21.39 -2.24
CA SER A 226 30.14 20.32 -1.40
C SER A 226 29.35 19.03 -1.55
N GLY A 227 28.88 18.74 -2.76
CA GLY A 227 28.25 17.46 -3.01
C GLY A 227 28.04 17.27 -4.50
N SER A 228 27.95 16.02 -4.90
CA SER A 228 27.77 15.67 -6.30
C SER A 228 27.09 14.31 -6.36
N PRO A 229 26.41 13.98 -7.47
CA PRO A 229 25.55 12.79 -7.46
C PRO A 229 26.30 11.48 -7.32
N ASN A 230 27.56 11.45 -7.74
CA ASN A 230 28.39 10.25 -7.71
C ASN A 230 29.11 10.03 -6.39
N CYS A 231 28.82 10.83 -5.36
CA CYS A 231 29.51 10.67 -4.08
C CYS A 231 29.32 9.26 -3.54
N PRO A 232 30.33 8.66 -2.89
CA PRO A 232 30.24 7.25 -2.50
C PRO A 232 29.13 6.98 -1.50
N TRP A 233 28.71 7.99 -0.74
CA TRP A 233 27.67 7.87 0.28
C TRP A 233 26.28 8.18 -0.26
N ALA A 234 26.17 8.70 -1.49
CA ALA A 234 24.93 9.30 -1.97
C ALA A 234 23.98 8.31 -2.64
N SER A 235 24.39 7.06 -2.88
CA SER A 235 23.47 6.10 -3.50
C SER A 235 23.93 4.69 -3.18
N VAL A 236 22.98 3.74 -3.30
CA VAL A 236 23.27 2.31 -3.18
C VAL A 236 22.61 1.57 -4.35
N SER A 237 22.99 0.30 -4.50
CA SER A 237 22.36 -0.55 -5.51
C SER A 237 20.98 -1.00 -5.04
N VAL A 238 20.19 -1.51 -5.99
CA VAL A 238 18.88 -2.04 -5.63
CA VAL A 238 18.88 -2.07 -5.67
C VAL A 238 19.03 -3.22 -4.67
N ALA A 239 20.08 -4.04 -4.85
CA ALA A 239 20.27 -5.17 -3.93
C ALA A 239 20.64 -4.70 -2.53
N GLU A 240 21.51 -3.69 -2.42
CA GLU A 240 21.89 -3.20 -1.10
C GLU A 240 20.73 -2.47 -0.42
N GLY A 241 19.95 -1.71 -1.19
CA GLY A 241 18.77 -1.07 -0.61
C GLY A 241 17.79 -2.09 -0.05
N ARG A 242 17.51 -3.13 -0.83
CA ARG A 242 16.64 -4.20 -0.34
C ARG A 242 17.22 -4.86 0.90
N ARG A 243 18.53 -5.14 0.89
CA ARG A 243 19.16 -5.72 2.07
C ARG A 243 18.94 -4.86 3.31
N ARG A 244 19.17 -3.54 3.19
CA ARG A 244 19.00 -2.67 4.34
C ARG A 244 17.54 -2.58 4.76
N ALA A 245 16.59 -2.63 3.83
CA ALA A 245 15.18 -2.60 4.22
C ALA A 245 14.79 -3.85 4.99
N VAL A 246 15.22 -5.01 4.50
CA VAL A 246 14.92 -6.27 5.19
C VAL A 246 15.56 -6.26 6.57
N GLU A 247 16.79 -5.75 6.69
CA GLU A 247 17.46 -5.70 7.98
C GLU A 247 16.79 -4.70 8.92
N LEU A 248 16.18 -3.63 8.40
CA LEU A 248 15.36 -2.77 9.25
C LEU A 248 14.19 -3.56 9.84
N GLY A 249 13.51 -4.36 9.00
CA GLY A 249 12.42 -5.16 9.51
C GLY A 249 12.89 -6.19 10.53
N ARG A 250 14.05 -6.79 10.29
CA ARG A 250 14.62 -7.73 11.26
C ARG A 250 14.84 -7.06 12.61
N ASN A 251 15.35 -5.83 12.61
CA ASN A 251 15.57 -5.11 13.86
C ASN A 251 14.27 -4.85 14.62
N LEU A 252 13.14 -4.78 13.91
CA LEU A 252 11.85 -4.46 14.51
C LEU A 252 10.92 -5.67 14.58
N ASN A 253 11.48 -6.87 14.46
CA ASN A 253 10.72 -8.12 14.56
C ASN A 253 9.55 -8.18 13.57
N CYS A 254 9.82 -7.79 12.34
CA CYS A 254 8.81 -7.83 11.29
C CYS A 254 8.81 -9.17 10.58
N ASN A 255 7.62 -9.55 10.10
CA ASN A 255 7.52 -10.60 9.09
C ASN A 255 8.31 -10.19 7.84
N LEU A 256 9.21 -11.07 7.39
CA LEU A 256 10.05 -10.76 6.23
C LEU A 256 9.73 -11.62 5.02
N ASN A 257 8.59 -12.32 5.00
CA ASN A 257 8.33 -13.29 3.93
C ASN A 257 8.00 -12.63 2.60
N SER A 258 7.53 -11.40 2.60
CA SER A 258 7.13 -10.71 1.39
C SER A 258 7.28 -9.20 1.60
N ASP A 259 7.44 -8.48 0.49
CA ASP A 259 7.47 -7.02 0.57
C ASP A 259 6.22 -6.50 1.24
N GLU A 260 5.06 -7.00 0.80
CA GLU A 260 3.78 -6.58 1.34
C GLU A 260 3.73 -6.72 2.87
N GLU A 261 4.20 -7.85 3.39
CA GLU A 261 4.13 -8.08 4.83
C GLU A 261 5.16 -7.25 5.58
N LEU A 262 6.36 -7.12 5.01
CA LEU A 262 7.38 -6.27 5.59
C LEU A 262 6.93 -4.81 5.66
N ILE A 263 6.36 -4.31 4.55
CA ILE A 263 5.94 -2.91 4.51
C ILE A 263 4.77 -2.68 5.45
N HIS A 264 3.78 -3.58 5.44
CA HIS A 264 2.67 -3.46 6.37
C HIS A 264 3.17 -3.37 7.81
N CYS A 265 4.18 -4.17 8.15
CA CYS A 265 4.76 -4.11 9.50
C CYS A 265 5.38 -2.75 9.76
N LEU A 266 6.30 -2.33 8.88
CA LEU A 266 6.99 -1.05 9.08
C LEU A 266 6.02 0.12 9.15
N ARG A 267 4.89 0.05 8.43
CA ARG A 267 3.90 1.13 8.49
C ARG A 267 3.16 1.18 9.83
N GLU A 268 3.23 0.12 10.63
CA GLU A 268 2.57 0.12 11.94
C GLU A 268 3.43 0.76 13.02
N LYS A 269 4.71 0.92 12.77
CA LYS A 269 5.62 1.44 13.78
C LYS A 269 5.51 2.96 13.89
N LYS A 270 5.68 3.45 15.11
CA LYS A 270 5.83 4.88 15.32
CA LYS A 270 5.82 4.88 15.29
C LYS A 270 7.12 5.35 14.62
N PRO A 271 7.15 6.60 14.13
CA PRO A 271 8.36 7.07 13.42
C PRO A 271 9.65 6.92 14.19
N GLN A 272 9.69 7.30 15.47
CA GLN A 272 10.96 7.22 16.17
C GLN A 272 11.38 5.77 16.44
N GLU A 273 10.45 4.81 16.39
CA GLU A 273 10.85 3.40 16.45
C GLU A 273 11.75 3.04 15.26
N LEU A 274 11.39 3.49 14.06
CA LEU A 274 12.25 3.29 12.90
C LEU A 274 13.58 3.99 13.06
N ILE A 275 13.54 5.23 13.53
CA ILE A 275 14.74 6.05 13.64
C ILE A 275 15.71 5.46 14.65
N ASP A 276 15.20 4.89 15.75
CA ASP A 276 16.10 4.39 16.79
C ASP A 276 16.97 3.21 16.33
N VAL A 277 16.61 2.51 15.25
CA VAL A 277 17.41 1.40 14.75
C VAL A 277 18.04 1.71 13.40
N GLU A 278 17.89 2.94 12.90
CA GLU A 278 18.28 3.26 11.53
C GLU A 278 19.75 2.99 11.27
N TRP A 279 20.62 3.35 12.22
CA TRP A 279 22.04 3.14 11.99
C TRP A 279 22.44 1.67 12.02
N ASN A 280 21.55 0.80 12.51
CA ASN A 280 21.90 -0.62 12.66
C ASN A 280 21.98 -1.36 11.33
N VAL A 281 21.47 -0.79 10.22
CA VAL A 281 21.44 -1.54 8.98
C VAL A 281 22.68 -1.30 8.12
N LEU A 282 23.59 -0.45 8.54
CA LEU A 282 24.78 -0.20 7.74
C LEU A 282 25.65 -1.46 7.70
N PRO A 283 26.30 -1.75 6.58
CA PRO A 283 27.07 -2.99 6.45
C PRO A 283 28.43 -2.95 7.16
N PHE A 284 29.02 -1.77 7.34
CA PHE A 284 30.34 -1.66 7.94
C PHE A 284 30.32 -0.58 9.02
N ASP A 285 31.23 -0.69 9.97
CA ASP A 285 31.60 0.46 10.79
C ASP A 285 32.19 1.52 9.87
N SER A 286 31.78 2.77 10.05
CA SER A 286 32.16 3.76 9.05
C SER A 286 31.87 5.15 9.57
N ILE A 287 32.43 6.15 8.88
CA ILE A 287 31.96 7.52 8.97
C ILE A 287 31.60 7.98 7.57
N PHE A 288 30.78 9.04 7.49
CA PHE A 288 30.30 9.56 6.21
C PHE A 288 29.59 8.48 5.39
N ARG A 289 28.80 7.63 6.07
CA ARG A 289 27.93 6.67 5.41
C ARG A 289 26.58 6.71 6.09
N PHE A 290 25.50 6.68 5.28
CA PHE A 290 24.14 6.84 5.78
C PHE A 290 23.26 5.70 5.27
N SER A 291 22.29 5.30 6.11
CA SER A 291 21.55 4.06 5.90
C SER A 291 20.64 4.11 4.67
N PHE A 292 19.74 5.09 4.59
CA PHE A 292 18.72 5.12 3.55
C PHE A 292 18.97 6.29 2.61
N VAL A 293 19.42 5.97 1.41
CA VAL A 293 19.86 6.94 0.42
C VAL A 293 19.26 6.57 -0.94
N PRO A 294 19.39 7.42 -1.96
CA PRO A 294 18.87 7.07 -3.30
C PRO A 294 19.35 5.71 -3.79
N VAL A 295 18.50 5.04 -4.59
CA VAL A 295 18.84 3.76 -5.20
C VAL A 295 18.94 3.93 -6.70
N ILE A 296 19.94 3.27 -7.30
CA ILE A 296 20.10 3.26 -8.75
C ILE A 296 19.09 2.24 -9.29
N ASP A 297 17.91 2.71 -9.68
CA ASP A 297 16.72 1.89 -9.80
C ASP A 297 16.33 1.55 -11.24
N GLY A 298 16.91 2.20 -12.24
CA GLY A 298 16.44 2.01 -13.60
C GLY A 298 15.24 2.84 -13.99
N GLU A 299 14.79 3.75 -13.13
CA GLU A 299 13.63 4.59 -13.40
C GLU A 299 13.96 6.05 -13.18
N PHE A 300 14.11 6.47 -11.91
CA PHE A 300 14.65 7.80 -11.64
C PHE A 300 16.01 7.96 -12.28
N PHE A 301 16.86 6.93 -12.17
CA PHE A 301 18.15 6.86 -12.83
C PHE A 301 18.08 5.74 -13.86
N PRO A 302 18.01 6.05 -15.17
CA PRO A 302 17.79 4.98 -16.16
C PRO A 302 18.91 3.96 -16.24
N THR A 303 20.17 4.37 -16.05
CA THR A 303 21.28 3.43 -15.96
C THR A 303 22.20 3.91 -14.84
N SER A 304 23.36 3.28 -14.72
CA SER A 304 24.33 3.68 -13.70
C SER A 304 24.72 5.14 -13.89
N LEU A 305 25.09 5.80 -12.79
CA LEU A 305 25.49 7.19 -12.86
C LEU A 305 26.69 7.39 -13.78
N GLU A 306 27.67 6.48 -13.71
CA GLU A 306 28.85 6.65 -14.54
C GLU A 306 28.52 6.52 -16.02
N SER A 307 27.66 5.55 -16.38
CA SER A 307 27.29 5.41 -17.80
C SER A 307 26.54 6.63 -18.31
N MET A 308 25.65 7.19 -17.48
CA MET A 308 24.96 8.42 -17.88
C MET A 308 25.94 9.57 -18.06
N LEU A 309 26.91 9.71 -17.14
CA LEU A 309 27.90 10.77 -17.29
C LEU A 309 28.74 10.57 -18.54
N ASN A 310 29.19 9.34 -18.79
CA ASN A 310 30.05 9.07 -19.95
C ASN A 310 29.33 9.33 -21.27
N SER A 311 28.05 9.00 -21.35
CA SER A 311 27.32 9.13 -22.60
C SER A 311 26.72 10.52 -22.79
N GLY A 312 26.76 11.39 -21.79
CA GLY A 312 26.10 12.68 -21.92
C GLY A 312 24.61 12.63 -21.68
N ASN A 313 24.09 11.54 -21.13
CA ASN A 313 22.66 11.42 -20.85
C ASN A 313 22.31 12.23 -19.60
N PHE A 314 22.30 13.55 -19.76
CA PHE A 314 21.94 14.44 -18.67
C PHE A 314 21.58 15.82 -19.23
N LYS A 315 21.00 16.65 -18.37
CA LYS A 315 20.59 17.99 -18.79
C LYS A 315 21.82 18.84 -19.11
N LYS A 316 21.82 19.45 -20.28
CA LYS A 316 22.92 20.29 -20.75
C LYS A 316 22.60 21.74 -20.46
N THR A 317 23.31 22.33 -19.50
CA THR A 317 23.05 23.71 -19.10
C THR A 317 24.32 24.26 -18.45
N GLN A 318 24.20 25.36 -17.71
CA GLN A 318 25.32 25.90 -16.95
C GLN A 318 25.27 25.36 -15.52
N ILE A 319 26.46 25.10 -14.94
CA ILE A 319 26.55 24.73 -13.54
C ILE A 319 27.63 25.56 -12.86
N LEU A 320 27.40 25.84 -11.58
CA LEU A 320 28.39 26.47 -10.72
C LEU A 320 28.53 25.59 -9.49
N LEU A 321 29.76 25.26 -9.10
CA LEU A 321 29.93 24.28 -8.03
C LEU A 321 31.29 24.45 -7.37
N GLY A 322 31.44 23.85 -6.20
CA GLY A 322 32.69 23.98 -5.49
C GLY A 322 32.69 23.24 -4.17
N VAL A 323 33.81 23.37 -3.46
CA VAL A 323 34.06 22.64 -2.21
C VAL A 323 34.70 23.58 -1.21
N ASN A 324 34.77 23.11 0.04
CA ASN A 324 35.41 23.80 1.16
C ASN A 324 36.74 23.13 1.48
N LYS A 325 37.61 23.88 2.17
CA LYS A 325 38.99 23.44 2.40
C LYS A 325 39.05 22.18 3.25
N ASP A 326 38.21 22.08 4.29
CA ASP A 326 38.31 20.98 5.26
C ASP A 326 36.96 20.25 5.40
N GLU A 327 36.48 19.72 4.27
CA GLU A 327 35.19 19.02 4.25
C GLU A 327 35.14 17.89 5.27
N GLY A 328 36.26 17.22 5.54
CA GLY A 328 36.16 16.02 6.34
C GLY A 328 36.12 16.19 7.86
N SER A 329 36.32 17.40 8.38
CA SER A 329 36.74 17.51 9.78
C SER A 329 35.65 17.12 10.78
N PHE A 330 34.39 17.52 10.55
CA PHE A 330 33.40 17.22 11.59
C PHE A 330 33.04 15.73 11.58
N PHE A 331 33.17 15.06 10.44
CA PHE A 331 32.89 13.62 10.38
C PHE A 331 33.80 12.84 11.30
N LEU A 332 35.07 13.22 11.35
CA LEU A 332 36.01 12.57 12.25
C LEU A 332 35.65 12.80 13.70
N LEU A 333 35.20 14.02 14.02
CA LEU A 333 34.71 14.34 15.35
C LEU A 333 33.65 13.34 15.78
N TYR A 334 32.75 13.00 14.86
CA TYR A 334 31.55 12.27 15.23
C TYR A 334 31.76 10.77 15.28
N GLY A 335 32.82 10.23 14.68
CA GLY A 335 32.95 8.79 14.69
C GLY A 335 34.34 8.18 14.67
N ALA A 336 35.40 9.00 14.70
CA ALA A 336 36.76 8.43 14.61
C ALA A 336 37.54 8.60 15.91
N PRO A 337 38.31 7.59 16.31
CA PRO A 337 39.03 7.65 17.60
C PRO A 337 40.09 8.76 17.65
N GLY A 338 40.21 9.40 18.82
CA GLY A 338 41.21 10.40 19.06
C GLY A 338 40.79 11.84 18.84
N PHE A 339 39.60 12.08 18.27
CA PHE A 339 39.19 13.43 17.93
C PHE A 339 38.28 14.00 19.01
N SER A 340 38.43 15.29 19.26
CA SER A 340 37.62 15.97 20.26
CA SER A 340 37.66 15.98 20.28
C SER A 340 37.44 17.42 19.85
N LYS A 341 36.26 17.96 20.17
CA LYS A 341 35.96 19.36 19.91
C LYS A 341 36.71 20.28 20.85
N ASP A 342 37.19 19.76 21.98
CA ASP A 342 37.81 20.56 23.04
C ASP A 342 39.32 20.37 23.13
N SER A 343 39.96 19.80 22.11
CA SER A 343 41.41 19.65 22.11
C SER A 343 41.92 19.81 20.69
N GLU A 344 43.24 19.85 20.54
CA GLU A 344 43.83 19.96 19.22
C GLU A 344 43.75 18.67 18.43
N SER A 345 43.32 17.58 19.07
CA SER A 345 43.08 16.31 18.41
C SER A 345 44.31 15.83 17.66
N LYS A 346 45.45 15.83 18.35
CA LYS A 346 46.63 15.16 17.79
C LYS A 346 46.38 13.66 17.77
N ILE A 347 46.64 13.05 16.62
CA ILE A 347 46.19 11.70 16.33
C ILE A 347 47.39 10.75 16.34
N SER A 348 47.33 9.71 17.15
CA SER A 348 48.37 8.69 17.19
C SER A 348 48.36 7.87 15.91
N ARG A 349 49.49 7.19 15.68
CA ARG A 349 49.60 6.28 14.54
C ARG A 349 48.50 5.22 14.57
N GLU A 350 48.27 4.63 15.75
CA GLU A 350 47.23 3.60 15.88
C GLU A 350 45.85 4.16 15.53
N ASP A 351 45.52 5.35 16.02
CA ASP A 351 44.22 5.94 15.72
C ASP A 351 44.13 6.39 14.27
N PHE A 352 45.26 6.74 13.66
CA PHE A 352 45.25 7.04 12.23
C PHE A 352 44.83 5.81 11.44
N MET A 353 45.44 4.67 11.73
CA MET A 353 45.10 3.45 11.00
C MET A 353 43.63 3.08 11.20
N SER A 354 43.11 3.23 12.42
CA SER A 354 41.70 2.95 12.64
CA SER A 354 41.70 2.97 12.66
C SER A 354 40.82 3.91 11.84
N GLY A 355 41.20 5.19 11.79
CA GLY A 355 40.41 6.18 11.05
C GLY A 355 40.40 5.95 9.54
N VAL A 356 41.53 5.52 8.96
CA VAL A 356 41.50 5.25 7.52
CA VAL A 356 41.55 5.21 7.53
C VAL A 356 40.53 4.11 7.21
N LYS A 357 40.47 3.09 8.08
CA LYS A 357 39.53 2.00 7.90
C LYS A 357 38.08 2.48 8.01
N LEU A 358 37.77 3.34 8.98
CA LEU A 358 36.43 3.90 9.08
C LEU A 358 36.09 4.77 7.88
N SER A 359 37.11 5.39 7.28
CA SER A 359 36.91 6.37 6.23
C SER A 359 36.73 5.71 4.88
N VAL A 360 37.37 4.57 4.65
CA VAL A 360 37.25 3.86 3.39
C VAL A 360 36.74 2.45 3.70
N PRO A 361 35.50 2.32 4.20
CA PRO A 361 35.07 1.04 4.77
C PRO A 361 34.97 -0.07 3.75
N HIS A 362 34.83 0.26 2.47
CA HIS A 362 34.73 -0.73 1.41
C HIS A 362 36.07 -1.26 0.93
N ALA A 363 37.18 -0.72 1.41
CA ALA A 363 38.49 -1.08 0.87
C ALA A 363 39.02 -2.36 1.50
N ASN A 364 39.67 -3.19 0.68
CA ASN A 364 40.40 -4.32 1.23
C ASN A 364 41.69 -3.80 1.88
N ASP A 365 42.51 -4.73 2.38
CA ASP A 365 43.70 -4.35 3.13
C ASP A 365 44.74 -3.68 2.23
N LEU A 366 44.84 -4.12 0.97
CA LEU A 366 45.76 -3.46 0.05
C LEU A 366 45.28 -2.05 -0.28
N GLY A 367 43.97 -1.87 -0.45
CA GLY A 367 43.46 -0.53 -0.65
C GLY A 367 43.72 0.36 0.55
N LEU A 368 43.58 -0.19 1.75
CA LEU A 368 43.89 0.59 2.94
C LEU A 368 45.37 0.96 2.99
N ASP A 369 46.25 0.04 2.59
CA ASP A 369 47.67 0.36 2.51
C ASP A 369 47.93 1.47 1.51
N ALA A 370 47.25 1.41 0.35
CA ALA A 370 47.44 2.44 -0.66
C ALA A 370 47.05 3.81 -0.13
N VAL A 371 45.88 3.90 0.53
CA VAL A 371 45.46 5.19 1.11
C VAL A 371 46.49 5.67 2.14
N THR A 372 46.92 4.76 3.02
CA THR A 372 47.86 5.13 4.07
C THR A 372 49.16 5.68 3.48
N LEU A 373 49.71 5.00 2.48
CA LEU A 373 50.94 5.48 1.85
C LEU A 373 50.73 6.85 1.23
N GLN A 374 49.59 7.06 0.57
CA GLN A 374 49.35 8.32 -0.12
C GLN A 374 49.30 9.51 0.84
N TYR A 375 48.91 9.29 2.10
CA TYR A 375 48.69 10.40 3.03
C TYR A 375 49.63 10.41 4.23
N THR A 376 50.71 9.63 4.21
CA THR A 376 51.61 9.54 5.36
C THR A 376 52.97 10.09 4.98
N ASP A 377 53.51 10.97 5.82
CA ASP A 377 54.86 11.48 5.63
C ASP A 377 55.79 10.55 6.41
N TRP A 378 56.49 9.66 5.71
CA TRP A 378 57.31 8.68 6.42
C TRP A 378 58.62 9.24 6.95
N MET A 379 58.92 10.51 6.71
CA MET A 379 59.97 11.18 7.46
C MET A 379 59.52 11.64 8.84
N ASP A 380 58.21 11.55 9.14
CA ASP A 380 57.66 12.22 10.32
C ASP A 380 56.31 11.60 10.68
N ASP A 381 56.26 10.28 10.83
CA ASP A 381 55.00 9.55 10.90
C ASP A 381 54.34 9.57 12.28
N ASN A 382 55.04 10.04 13.31
CA ASN A 382 54.46 10.16 14.63
C ASN A 382 54.08 11.60 14.94
N ASN A 383 54.08 12.45 13.93
CA ASN A 383 53.57 13.81 14.05
C ASN A 383 52.05 13.75 14.17
N GLY A 384 51.52 14.06 15.36
CA GLY A 384 50.09 13.94 15.58
C GLY A 384 49.28 14.95 14.79
N ILE A 385 49.88 16.11 14.50
CA ILE A 385 49.19 17.12 13.70
C ILE A 385 49.08 16.67 12.24
N LYS A 386 50.17 16.12 11.69
CA LYS A 386 50.11 15.60 10.33
C LYS A 386 49.18 14.40 10.23
N ASN A 387 49.13 13.56 11.27
CA ASN A 387 48.21 12.43 11.22
C ASN A 387 46.77 12.92 11.22
N ARG A 388 46.46 13.88 12.10
CA ARG A 388 45.12 14.50 12.15
C ARG A 388 44.76 15.13 10.82
N ASP A 389 45.64 16.00 10.29
CA ASP A 389 45.32 16.67 9.03
C ASP A 389 45.26 15.67 7.88
N GLY A 390 46.07 14.61 7.92
CA GLY A 390 46.01 13.62 6.85
C GLY A 390 44.68 12.90 6.83
N LEU A 391 44.17 12.54 8.01
CA LEU A 391 42.85 11.92 8.10
C LEU A 391 41.77 12.89 7.63
N ASP A 392 41.87 14.16 8.02
CA ASP A 392 40.93 15.18 7.58
C ASP A 392 40.87 15.20 6.05
N ASP A 393 42.04 15.23 5.41
CA ASP A 393 42.08 15.28 3.95
C ASP A 393 41.52 14.00 3.33
N ILE A 394 41.85 12.84 3.90
CA ILE A 394 41.31 11.58 3.38
C ILE A 394 39.78 11.64 3.31
N VAL A 395 39.15 12.03 4.41
CA VAL A 395 37.68 12.04 4.46
C VAL A 395 37.11 13.02 3.44
N GLY A 396 37.66 14.24 3.40
CA GLY A 396 37.13 15.24 2.47
C GLY A 396 37.43 14.90 1.02
N ASP A 397 38.64 14.41 0.73
CA ASP A 397 38.99 14.07 -0.64
C ASP A 397 38.16 12.90 -1.16
N HIS A 398 38.07 11.82 -0.39
CA HIS A 398 37.32 10.64 -0.81
C HIS A 398 35.83 10.94 -0.93
N ASN A 399 35.25 11.64 0.04
CA ASN A 399 33.80 11.74 0.09
C ASN A 399 33.23 12.95 -0.63
N VAL A 400 34.00 14.01 -0.82
CA VAL A 400 33.43 15.23 -1.40
C VAL A 400 34.25 15.75 -2.57
N ILE A 401 35.51 16.09 -2.33
CA ILE A 401 36.26 16.85 -3.34
C ILE A 401 36.50 16.02 -4.59
N CYS A 402 37.03 14.80 -4.45
CA CYS A 402 37.34 14.07 -5.68
C CYS A 402 36.09 13.55 -6.41
N PRO A 403 35.02 13.12 -5.72
CA PRO A 403 33.77 12.86 -6.47
C PRO A 403 33.29 14.08 -7.24
N LEU A 404 33.37 15.27 -6.63
CA LEU A 404 32.93 16.47 -7.34
C LEU A 404 33.84 16.77 -8.53
N MET A 405 35.15 16.59 -8.38
CA MET A 405 36.04 16.82 -9.53
C MET A 405 35.81 15.82 -10.64
N HIS A 406 35.46 14.57 -10.32
CA HIS A 406 35.07 13.63 -11.36
C HIS A 406 33.81 14.11 -12.06
N PHE A 407 32.82 14.56 -11.29
CA PHE A 407 31.59 15.08 -11.89
C PHE A 407 31.89 16.29 -12.76
N VAL A 408 32.70 17.22 -12.26
CA VAL A 408 32.93 18.44 -13.01
C VAL A 408 33.63 18.14 -14.33
N ASN A 409 34.55 17.17 -14.34
CA ASN A 409 35.24 16.88 -15.59
C ASN A 409 34.35 16.14 -16.59
N LYS A 410 33.51 15.22 -16.10
CA LYS A 410 32.57 14.53 -16.99
C LYS A 410 31.52 15.50 -17.53
N TYR A 411 31.01 16.39 -16.68
CA TYR A 411 29.91 17.28 -17.10
C TYR A 411 30.37 18.27 -18.15
N THR A 412 31.54 18.85 -17.95
CA THR A 412 32.05 19.91 -18.80
C THR A 412 32.28 19.42 -20.23
N LYS A 413 32.40 18.11 -20.45
CA LYS A 413 32.55 17.60 -21.81
C LYS A 413 31.29 17.86 -22.64
N PHE A 414 30.12 17.93 -22.00
CA PHE A 414 28.84 18.08 -22.69
C PHE A 414 28.06 19.32 -22.30
N GLY A 415 28.38 19.98 -21.18
CA GLY A 415 27.58 21.06 -20.68
C GLY A 415 27.80 22.37 -21.44
N ASN A 416 27.10 23.41 -20.99
CA ASN A 416 27.15 24.72 -21.63
C ASN A 416 27.79 25.79 -20.75
N GLY A 417 28.61 25.39 -19.77
CA GLY A 417 29.31 26.35 -18.96
C GLY A 417 29.53 25.93 -17.52
N THR A 418 30.77 25.82 -17.07
CA THR A 418 31.10 25.37 -15.72
C THR A 418 31.91 26.44 -14.98
N TYR A 419 31.52 26.72 -13.74
CA TYR A 419 32.23 27.64 -12.87
C TYR A 419 32.51 26.94 -11.54
N LEU A 420 33.79 26.88 -11.17
CA LEU A 420 34.27 26.07 -10.06
C LEU A 420 34.94 26.96 -9.02
N TYR A 421 34.68 26.70 -7.73
CA TYR A 421 35.21 27.49 -6.64
C TYR A 421 35.81 26.61 -5.54
N PHE A 422 36.68 27.23 -4.74
CA PHE A 422 37.30 26.61 -3.58
C PHE A 422 37.15 27.58 -2.42
N PHE A 423 36.23 27.28 -1.50
CA PHE A 423 35.92 28.16 -0.38
C PHE A 423 36.85 27.83 0.78
N ASN A 424 37.71 28.79 1.16
CA ASN A 424 38.70 28.47 2.20
C ASN A 424 38.82 29.60 3.21
N HIS A 425 37.70 30.24 3.54
CA HIS A 425 37.69 31.24 4.61
C HIS A 425 37.16 30.64 5.90
N ARG A 426 37.92 30.81 6.98
CA ARG A 426 37.49 30.41 8.31
C ARG A 426 36.80 31.60 8.99
N ALA A 427 35.54 31.42 9.38
CA ALA A 427 34.78 32.52 9.94
C ALA A 427 35.42 33.01 11.24
N SER A 428 35.40 34.34 11.44
CA SER A 428 36.01 34.93 12.62
C SER A 428 35.28 34.54 13.91
N ASN A 429 33.98 34.25 13.82
CA ASN A 429 33.15 33.96 14.97
C ASN A 429 32.83 32.47 15.11
N LEU A 430 33.60 31.62 14.46
CA LEU A 430 33.30 30.19 14.45
C LEU A 430 33.40 29.63 15.87
N VAL A 431 32.44 28.76 16.23
CA VAL A 431 32.43 28.16 17.56
C VAL A 431 33.23 26.86 17.61
N TRP A 432 33.68 26.34 16.47
CA TRP A 432 34.45 25.09 16.44
C TRP A 432 35.95 25.36 16.55
N PRO A 433 36.73 24.39 17.01
CA PRO A 433 38.17 24.61 17.17
C PRO A 433 38.89 24.77 15.84
N GLU A 434 40.10 25.32 15.93
CA GLU A 434 40.85 25.68 14.74
C GLU A 434 41.26 24.46 13.93
N TRP A 435 41.46 23.30 14.57
CA TRP A 435 41.91 22.14 13.80
C TRP A 435 40.88 21.72 12.77
N MET A 436 39.60 22.03 12.99
CA MET A 436 38.55 21.67 12.05
C MET A 436 38.54 22.54 10.80
N GLY A 437 39.20 23.69 10.83
CA GLY A 437 39.42 24.44 9.60
C GLY A 437 38.14 25.03 9.03
N VAL A 438 37.97 24.88 7.72
CA VAL A 438 36.84 25.41 6.97
C VAL A 438 35.87 24.24 6.78
N ILE A 439 34.85 24.19 7.63
CA ILE A 439 34.07 22.98 7.89
C ILE A 439 32.98 22.78 6.84
N HIS A 440 32.66 21.52 6.56
CA HIS A 440 31.51 21.12 5.75
C HIS A 440 30.24 21.84 6.21
N GLY A 441 29.69 22.66 5.33
CA GLY A 441 28.47 23.41 5.61
C GLY A 441 28.69 24.87 5.98
N TYR A 442 29.91 25.30 6.27
CA TYR A 442 30.08 26.65 6.80
C TYR A 442 30.28 27.70 5.71
N GLU A 443 30.16 27.33 4.44
CA GLU A 443 29.96 28.33 3.40
C GLU A 443 28.50 28.76 3.30
N ILE A 444 27.57 27.96 3.84
CA ILE A 444 26.15 28.26 3.64
C ILE A 444 25.81 29.62 4.20
N GLU A 445 26.32 29.94 5.40
CA GLU A 445 25.97 31.20 6.02
C GLU A 445 26.42 32.40 5.18
N PHE A 446 27.47 32.25 4.36
CA PHE A 446 27.87 33.34 3.47
C PHE A 446 26.98 33.41 2.23
N VAL A 447 26.62 32.25 1.66
CA VAL A 447 25.69 32.21 0.53
C VAL A 447 24.37 32.89 0.89
N PHE A 448 23.91 32.73 2.13
CA PHE A 448 22.61 33.25 2.55
C PHE A 448 22.69 34.62 3.19
N GLY A 449 23.86 35.23 3.25
CA GLY A 449 23.98 36.62 3.67
C GLY A 449 23.95 36.86 5.17
N LEU A 450 24.12 35.83 5.99
CA LEU A 450 24.12 36.04 7.43
C LEU A 450 25.17 37.05 7.89
N PRO A 451 26.37 37.15 7.30
CA PRO A 451 27.31 38.20 7.73
C PRO A 451 26.81 39.63 7.53
N LEU A 452 25.74 39.85 6.78
CA LEU A 452 25.16 41.18 6.68
C LEU A 452 24.43 41.61 7.95
N VAL A 453 24.22 40.69 8.89
CA VAL A 453 23.49 40.99 10.12
C VAL A 453 24.50 41.41 11.18
N LYS A 454 24.50 42.71 11.52
CA LYS A 454 25.49 43.26 12.43
C LYS A 454 25.52 42.53 13.76
N GLU A 455 24.36 42.08 14.25
CA GLU A 455 24.28 41.45 15.55
C GLU A 455 25.05 40.14 15.62
N LEU A 456 25.38 39.54 14.47
CA LEU A 456 26.07 38.26 14.46
C LEU A 456 27.59 38.40 14.51
N ASN A 457 28.10 39.62 14.38
CA ASN A 457 29.51 39.93 14.68
C ASN A 457 30.48 39.27 13.71
N TYR A 458 30.14 39.27 12.42
CA TYR A 458 31.15 39.02 11.39
C TYR A 458 31.94 40.30 11.14
N THR A 459 33.15 40.14 10.62
CA THR A 459 33.96 41.30 10.27
C THR A 459 33.40 41.98 9.01
N ALA A 460 33.87 43.21 8.77
CA ALA A 460 33.46 43.94 7.58
C ALA A 460 33.89 43.21 6.31
N GLU A 461 35.07 42.59 6.33
CA GLU A 461 35.51 41.83 5.16
C GLU A 461 34.66 40.59 4.97
N GLU A 462 34.12 40.02 6.04
CA GLU A 462 33.22 38.89 5.89
C GLU A 462 31.87 39.31 5.33
N GLU A 463 31.40 40.51 5.69
CA GLU A 463 30.22 41.04 5.02
C GLU A 463 30.48 41.25 3.53
N ALA A 464 31.65 41.78 3.17
CA ALA A 464 31.94 41.99 1.76
C ALA A 464 32.05 40.67 1.02
N LEU A 465 32.67 39.66 1.65
CA LEU A 465 32.76 38.35 1.03
C LEU A 465 31.36 37.77 0.78
N SER A 466 30.50 37.85 1.79
CA SER A 466 29.14 37.34 1.62
C SER A 466 28.41 38.06 0.49
N ARG A 467 28.54 39.39 0.43
CA ARG A 467 27.90 40.13 -0.66
C ARG A 467 28.46 39.69 -2.01
N ARG A 468 29.78 39.49 -2.09
CA ARG A 468 30.38 39.00 -3.31
CA ARG A 468 30.38 39.01 -3.32
C ARG A 468 29.79 37.65 -3.71
N ILE A 469 29.69 36.73 -2.75
CA ILE A 469 29.20 35.38 -3.04
C ILE A 469 27.72 35.44 -3.45
N MET A 470 26.90 36.15 -2.69
CA MET A 470 25.50 36.30 -3.07
C MET A 470 25.35 36.85 -4.49
N HIS A 471 26.22 37.78 -4.87
CA HIS A 471 26.10 38.37 -6.20
C HIS A 471 26.56 37.40 -7.27
N TYR A 472 27.65 36.65 -7.02
CA TYR A 472 28.01 35.57 -7.93
C TYR A 472 26.87 34.59 -8.10
N TRP A 473 26.30 34.12 -6.98
CA TRP A 473 25.28 33.09 -7.05
C TRP A 473 24.08 33.59 -7.84
N ALA A 474 23.58 34.77 -7.49
CA ALA A 474 22.36 35.29 -8.11
C ALA A 474 22.59 35.78 -9.53
N THR A 475 23.78 36.32 -9.83
CA THR A 475 24.07 36.68 -11.22
C THR A 475 24.17 35.45 -12.10
N PHE A 476 24.83 34.40 -11.59
CA PHE A 476 24.81 33.12 -12.29
C PHE A 476 23.38 32.62 -12.49
N ALA A 477 22.57 32.67 -11.43
CA ALA A 477 21.19 32.20 -11.55
C ALA A 477 20.44 32.96 -12.64
N LYS A 478 20.66 34.27 -12.73
CA LYS A 478 19.95 35.10 -13.71
C LYS A 478 20.43 34.84 -15.14
N THR A 479 21.74 34.65 -15.34
CA THR A 479 22.35 34.70 -16.67
C THR A 479 23.14 33.47 -17.08
N GLY A 480 23.49 32.58 -16.15
CA GLY A 480 24.38 31.48 -16.47
C GLY A 480 25.85 31.81 -16.36
N ASN A 481 26.18 32.97 -15.81
CA ASN A 481 27.53 33.47 -15.71
C ASN A 481 27.62 34.29 -14.44
N PRO A 482 28.50 33.93 -13.49
CA PRO A 482 28.55 34.68 -12.22
C PRO A 482 29.09 36.09 -12.36
N ASN A 483 29.71 36.43 -13.50
CA ASN A 483 30.35 37.73 -13.68
C ASN A 483 29.35 38.72 -14.27
N GLU A 484 29.34 39.92 -13.72
CA GLU A 484 28.61 41.01 -14.35
C GLU A 484 29.48 41.63 -15.43
N PRO A 485 28.95 41.84 -16.64
CA PRO A 485 29.76 42.46 -17.71
C PRO A 485 30.30 43.82 -17.27
N HIS A 486 31.58 44.04 -17.57
CA HIS A 486 32.38 45.18 -17.12
C HIS A 486 32.75 45.09 -15.65
N SER A 487 34.02 45.30 -15.33
CA SER A 487 34.51 45.22 -13.95
C SER A 487 33.99 46.39 -13.12
N SER A 490 37.63 41.86 -11.56
CA SER A 490 38.29 40.61 -11.93
C SER A 490 37.26 39.51 -12.17
N LYS A 491 37.46 38.74 -13.22
CA LYS A 491 36.46 37.80 -13.72
C LYS A 491 36.72 36.39 -13.23
N TRP A 492 35.66 35.73 -12.77
CA TRP A 492 35.66 34.31 -12.48
C TRP A 492 35.64 33.54 -13.80
N PRO A 493 36.72 32.86 -14.17
CA PRO A 493 36.79 32.27 -15.51
C PRO A 493 36.04 30.96 -15.60
N LEU A 494 35.57 30.67 -16.82
CA LEU A 494 34.99 29.37 -17.12
C LEU A 494 35.99 28.25 -16.83
N PHE A 495 35.51 27.19 -16.18
CA PHE A 495 36.25 25.95 -16.09
C PHE A 495 36.17 25.23 -17.43
N THR A 496 37.32 24.88 -17.99
CA THR A 496 37.39 24.19 -19.27
C THR A 496 38.12 22.87 -19.12
N THR A 497 37.81 21.94 -20.02
CA THR A 497 38.48 20.64 -20.02
C THR A 497 40.00 20.80 -20.06
N LYS A 498 40.49 21.76 -20.85
CA LYS A 498 41.94 21.85 -21.04
C LYS A 498 42.61 22.64 -19.93
N GLU A 499 42.09 23.81 -19.57
CA GLU A 499 42.77 24.65 -18.58
C GLU A 499 42.29 24.42 -17.15
N GLN A 500 41.05 23.97 -16.95
CA GLN A 500 40.58 23.50 -15.63
C GLN A 500 40.76 24.56 -14.53
N LYS A 501 40.41 25.81 -14.84
CA LYS A 501 40.57 26.90 -13.90
C LYS A 501 39.45 26.93 -12.86
N PHE A 502 39.79 27.42 -11.67
CA PHE A 502 38.84 27.66 -10.58
C PHE A 502 39.33 28.86 -9.80
N ILE A 503 38.46 29.40 -8.94
CA ILE A 503 38.86 30.51 -8.09
C ILE A 503 38.76 30.13 -6.62
N ASP A 504 39.59 30.76 -5.80
CA ASP A 504 39.40 30.76 -4.36
C ASP A 504 38.31 31.75 -3.99
N LEU A 505 37.53 31.41 -2.97
CA LEU A 505 36.58 32.34 -2.38
C LEU A 505 37.00 32.59 -0.94
N ASN A 506 37.54 33.78 -0.67
CA ASN A 506 37.95 34.17 0.67
C ASN A 506 37.97 35.69 0.72
N THR A 507 38.52 36.25 1.81
CA THR A 507 38.51 37.70 1.98
C THR A 507 39.61 38.41 1.20
N GLU A 508 40.52 37.68 0.57
CA GLU A 508 41.58 38.28 -0.25
C GLU A 508 41.10 38.48 -1.68
N PRO A 509 41.79 39.30 -2.46
CA PRO A 509 41.44 39.45 -3.87
C PRO A 509 41.46 38.11 -4.59
N MET A 510 40.49 37.93 -5.48
CA MET A 510 40.32 36.67 -6.20
C MET A 510 41.60 36.25 -6.89
N LYS A 511 41.99 35.00 -6.69
CA LYS A 511 43.09 34.38 -7.41
C LYS A 511 42.57 33.18 -8.19
N VAL A 512 43.03 33.04 -9.42
CA VAL A 512 42.70 31.93 -10.28
C VAL A 512 43.75 30.85 -10.14
N HIS A 513 43.32 29.59 -10.02
CA HIS A 513 44.22 28.44 -9.99
C HIS A 513 43.76 27.42 -11.02
N GLN A 514 44.50 26.33 -11.12
CA GLN A 514 44.19 25.26 -12.05
C GLN A 514 44.32 23.91 -11.37
N ARG A 515 43.47 22.95 -11.81
CA ARG A 515 43.57 21.54 -11.44
C ARG A 515 43.44 21.35 -9.91
N LEU A 516 42.23 21.63 -9.43
CA LEU A 516 41.94 21.52 -8.01
C LEU A 516 42.21 20.11 -7.49
N ARG A 517 43.14 20.02 -6.53
CA ARG A 517 43.44 18.77 -5.82
C ARG A 517 43.74 17.63 -6.77
N VAL A 518 44.40 17.96 -7.90
CA VAL A 518 44.49 16.99 -8.99
C VAL A 518 45.27 15.74 -8.57
N GLN A 519 46.33 15.90 -7.77
CA GLN A 519 47.18 14.75 -7.44
C GLN A 519 46.40 13.72 -6.63
N MET A 520 45.74 14.15 -5.56
CA MET A 520 44.99 13.19 -4.75
C MET A 520 43.79 12.64 -5.50
N CYS A 521 43.17 13.43 -6.38
CA CYS A 521 42.00 12.92 -7.08
C CYS A 521 42.33 11.92 -8.18
N VAL A 522 43.54 11.96 -8.76
CA VAL A 522 43.94 10.83 -9.59
C VAL A 522 43.96 9.55 -8.76
N PHE A 523 44.44 9.64 -7.52
CA PHE A 523 44.42 8.49 -6.64
C PHE A 523 42.99 8.01 -6.38
N TRP A 524 42.10 8.92 -5.98
CA TRP A 524 40.75 8.50 -5.59
C TRP A 524 39.90 8.12 -6.80
N ASN A 525 40.07 8.81 -7.92
CA ASN A 525 39.19 8.62 -9.07
C ASN A 525 39.72 7.61 -10.09
N GLN A 526 41.03 7.40 -10.15
CA GLN A 526 41.59 6.49 -11.15
C GLN A 526 42.28 5.29 -10.53
N PHE A 527 43.27 5.49 -9.66
CA PHE A 527 44.08 4.37 -9.20
C PHE A 527 43.35 3.47 -8.20
N LEU A 528 42.83 4.05 -7.10
CA LEU A 528 42.20 3.20 -6.10
C LEU A 528 41.03 2.40 -6.68
N PRO A 529 40.12 2.97 -7.48
CA PRO A 529 39.05 2.14 -8.08
C PRO A 529 39.59 0.98 -8.91
N LYS A 530 40.64 1.22 -9.69
CA LYS A 530 41.26 0.13 -10.43
C LYS A 530 41.84 -0.92 -9.49
N LEU A 531 42.49 -0.49 -8.42
CA LEU A 531 43.06 -1.44 -7.46
C LEU A 531 41.98 -2.29 -6.80
N LEU A 532 40.90 -1.64 -6.35
CA LEU A 532 39.83 -2.39 -5.68
C LEU A 532 39.13 -3.34 -6.66
N ASN A 533 38.98 -2.92 -7.92
CA ASN A 533 38.40 -3.81 -8.92
C ASN A 533 39.30 -5.01 -9.20
N ALA A 534 40.62 -4.80 -9.26
CA ALA A 534 41.54 -5.87 -9.61
C ALA A 534 41.84 -6.81 -8.45
N THR A 535 41.63 -6.37 -7.21
CA THR A 535 42.11 -7.14 -6.06
C THR A 535 40.96 -7.67 -5.19
N SER B 4 -48.74 4.34 -1.20
CA SER B 4 -48.46 4.85 -2.54
C SER B 4 -47.07 4.43 -3.00
N GLU B 5 -46.04 5.14 -2.53
CA GLU B 5 -44.68 4.66 -2.73
C GLU B 5 -44.43 3.37 -1.95
N LEU B 6 -45.06 3.23 -0.79
CA LEU B 6 -44.94 2.06 0.07
C LEU B 6 -46.02 1.02 -0.18
N LEU B 7 -47.00 1.31 -1.02
CA LEU B 7 -48.10 0.38 -1.31
C LEU B 7 -47.95 -0.12 -2.73
N VAL B 8 -47.76 -1.44 -2.87
CA VAL B 8 -47.45 -2.04 -4.16
C VAL B 8 -48.36 -3.24 -4.36
N ASN B 9 -49.05 -3.28 -5.49
CA ASN B 9 -49.87 -4.44 -5.81
C ASN B 9 -49.05 -5.39 -6.67
N THR B 10 -48.82 -6.58 -6.16
CA THR B 10 -48.08 -7.59 -6.90
C THR B 10 -49.05 -8.61 -7.44
N LYS B 11 -48.52 -9.52 -8.28
CA LYS B 11 -49.37 -10.54 -8.88
C LYS B 11 -49.95 -11.50 -7.85
N SER B 12 -49.37 -11.58 -6.65
CA SER B 12 -49.94 -12.41 -5.60
C SER B 12 -50.76 -11.62 -4.59
N GLY B 13 -50.81 -10.29 -4.70
CA GLY B 13 -51.59 -9.49 -3.78
C GLY B 13 -50.86 -8.23 -3.36
N LYS B 14 -51.51 -7.40 -2.54
CA LYS B 14 -50.96 -6.11 -2.16
C LYS B 14 -49.95 -6.26 -1.01
N VAL B 15 -48.94 -5.39 -1.02
CA VAL B 15 -47.91 -5.34 0.02
CA VAL B 15 -47.94 -5.34 0.05
C VAL B 15 -47.76 -3.89 0.48
N MET B 16 -47.52 -3.70 1.77
CA MET B 16 -47.22 -2.38 2.33
C MET B 16 -45.84 -2.40 2.97
N GLY B 17 -44.91 -1.60 2.43
CA GLY B 17 -43.57 -1.49 2.96
C GLY B 17 -43.44 -0.46 4.08
N THR B 18 -42.19 -0.17 4.44
CA THR B 18 -41.89 0.75 5.52
C THR B 18 -40.77 1.67 5.07
N ARG B 19 -40.78 2.91 5.58
CA ARG B 19 -39.75 3.89 5.28
CA ARG B 19 -39.76 3.90 5.28
C ARG B 19 -38.64 3.78 6.31
N VAL B 20 -37.42 3.53 5.85
CA VAL B 20 -36.31 3.27 6.77
C VAL B 20 -35.25 4.35 6.64
N PRO B 21 -34.64 4.79 7.75
CA PRO B 21 -33.54 5.75 7.63
C PRO B 21 -32.29 5.05 7.11
N VAL B 22 -31.49 5.81 6.36
CA VAL B 22 -30.18 5.32 5.93
C VAL B 22 -29.26 6.52 5.68
N LEU B 23 -28.19 6.61 6.47
CA LEU B 23 -27.12 7.59 6.24
C LEU B 23 -27.67 9.00 6.04
N SER B 24 -28.54 9.42 6.96
CA SER B 24 -29.15 10.75 6.95
C SER B 24 -30.14 10.95 5.81
N SER B 25 -30.57 9.89 5.15
CA SER B 25 -31.63 9.95 4.15
C SER B 25 -32.61 8.82 4.48
N HIS B 26 -33.43 8.44 3.49
CA HIS B 26 -34.40 7.37 3.68
C HIS B 26 -34.55 6.59 2.38
N ILE B 27 -34.98 5.33 2.51
CA ILE B 27 -35.41 4.50 1.38
C ILE B 27 -36.55 3.62 1.84
N SER B 28 -37.18 2.95 0.88
CA SER B 28 -38.31 2.08 1.15
C SER B 28 -37.84 0.64 1.32
N ALA B 29 -38.45 -0.07 2.27
CA ALA B 29 -38.12 -1.47 2.54
C ALA B 29 -39.40 -2.28 2.52
N PHE B 30 -39.36 -3.42 1.85
CA PHE B 30 -40.48 -4.36 1.79
C PHE B 30 -39.94 -5.68 2.35
N LEU B 31 -40.21 -5.94 3.63
CA LEU B 31 -39.58 -7.03 4.34
C LEU B 31 -40.55 -8.21 4.49
N GLY B 32 -40.04 -9.42 4.28
CA GLY B 32 -40.82 -10.62 4.55
C GLY B 32 -41.96 -10.90 3.60
N ILE B 33 -41.78 -10.66 2.31
CA ILE B 33 -42.79 -10.95 1.30
C ILE B 33 -42.77 -12.45 1.01
N PRO B 34 -43.90 -13.15 1.06
CA PRO B 34 -43.91 -14.58 0.74
C PRO B 34 -43.82 -14.82 -0.75
N PHE B 35 -43.04 -15.84 -1.14
CA PHE B 35 -42.94 -16.20 -2.54
C PHE B 35 -43.28 -17.66 -2.79
N ALA B 36 -43.58 -18.42 -1.74
CA ALA B 36 -43.97 -19.81 -1.90
C ALA B 36 -45.00 -20.15 -0.84
N GLU B 37 -45.71 -21.25 -1.06
CA GLU B 37 -46.55 -21.81 0.00
C GLU B 37 -45.65 -22.32 1.13
N PRO B 38 -46.07 -22.18 2.39
CA PRO B 38 -45.29 -22.77 3.48
C PRO B 38 -45.03 -24.25 3.24
N PRO B 39 -43.79 -24.66 3.20
CA PRO B 39 -43.47 -26.07 2.93
C PRO B 39 -43.51 -26.93 4.19
N VAL B 40 -44.71 -27.03 4.78
CA VAL B 40 -44.91 -27.64 6.08
C VAL B 40 -45.79 -28.89 5.93
N GLY B 41 -45.71 -29.75 6.96
CA GLY B 41 -46.58 -30.92 6.97
C GLY B 41 -46.21 -31.91 5.87
N ASN B 42 -47.20 -32.27 5.05
CA ASN B 42 -46.88 -33.17 3.95
C ASN B 42 -46.06 -32.51 2.85
N MET B 43 -45.81 -31.20 2.93
CA MET B 43 -44.97 -30.53 1.95
CA MET B 43 -44.98 -30.48 1.97
C MET B 43 -43.50 -30.48 2.34
N ARG B 44 -43.15 -31.00 3.52
CA ARG B 44 -41.74 -31.10 3.90
C ARG B 44 -41.02 -32.03 2.94
N PHE B 45 -39.86 -31.57 2.43
CA PHE B 45 -38.97 -32.22 1.48
C PHE B 45 -39.43 -32.06 0.05
N ARG B 46 -40.63 -31.55 -0.21
CA ARG B 46 -41.14 -31.48 -1.57
C ARG B 46 -40.73 -30.18 -2.26
N ARG B 47 -40.78 -30.23 -3.59
CA ARG B 47 -40.55 -29.03 -4.37
C ARG B 47 -41.48 -27.91 -3.88
N PRO B 48 -41.04 -26.65 -3.91
CA PRO B 48 -41.92 -25.56 -3.47
C PRO B 48 -43.08 -25.38 -4.43
N GLU B 49 -44.16 -24.81 -3.90
CA GLU B 49 -45.34 -24.39 -4.65
C GLU B 49 -45.49 -22.88 -4.60
N PRO B 50 -45.89 -22.24 -5.71
CA PRO B 50 -46.10 -20.79 -5.70
C PRO B 50 -47.06 -20.36 -4.60
N LYS B 51 -46.78 -19.21 -4.00
CA LYS B 51 -47.66 -18.67 -2.96
C LYS B 51 -49.04 -18.36 -3.53
N LYS B 52 -50.08 -18.93 -2.93
CA LYS B 52 -51.43 -18.63 -3.37
C LYS B 52 -51.77 -17.18 -3.08
N PRO B 53 -52.45 -16.50 -3.99
CA PRO B 53 -52.75 -15.08 -3.79
C PRO B 53 -53.51 -14.85 -2.49
N TRP B 54 -53.21 -13.74 -1.84
CA TRP B 54 -53.89 -13.34 -0.62
C TRP B 54 -54.75 -12.11 -0.89
N SER B 55 -55.75 -11.92 -0.03
CA SER B 55 -56.55 -10.71 -0.03
C SER B 55 -56.04 -9.79 1.06
N GLY B 56 -56.43 -8.53 0.99
CA GLY B 56 -55.93 -7.56 1.93
C GLY B 56 -54.50 -7.14 1.61
N VAL B 57 -53.89 -6.48 2.59
CA VAL B 57 -52.57 -5.88 2.43
C VAL B 57 -51.58 -6.65 3.29
N TRP B 58 -50.55 -7.21 2.65
CA TRP B 58 -49.50 -7.88 3.41
C TRP B 58 -48.65 -6.84 4.13
N ASN B 59 -48.51 -6.95 5.44
CA ASN B 59 -47.70 -6.01 6.20
C ASN B 59 -46.24 -6.42 6.04
N ALA B 60 -45.50 -5.68 5.22
CA ALA B 60 -44.10 -6.01 4.92
C ALA B 60 -43.15 -5.03 5.58
N SER B 61 -43.40 -4.71 6.85
CA SER B 61 -42.55 -3.80 7.60
C SER B 61 -41.59 -4.53 8.51
N THR B 62 -41.65 -5.86 8.57
CA THR B 62 -40.94 -6.67 9.54
C THR B 62 -40.22 -7.83 8.87
N TYR B 63 -39.02 -8.16 9.35
CA TYR B 63 -38.28 -9.30 8.81
C TYR B 63 -39.06 -10.60 9.04
N PRO B 64 -38.92 -11.58 8.16
CA PRO B 64 -39.62 -12.86 8.34
C PRO B 64 -38.90 -13.77 9.33
N ASN B 65 -39.48 -14.95 9.55
CA ASN B 65 -38.81 -16.05 10.22
C ASN B 65 -37.63 -16.55 9.40
N ASN B 66 -36.67 -17.16 10.09
CA ASN B 66 -35.56 -17.86 9.45
C ASN B 66 -35.89 -19.34 9.37
N CYS B 67 -35.32 -20.02 8.38
CA CYS B 67 -35.55 -21.45 8.23
C CYS B 67 -34.92 -22.24 9.39
N GLN B 68 -35.47 -23.43 9.62
CA GLN B 68 -34.97 -24.31 10.68
C GLN B 68 -33.55 -24.75 10.38
N GLN B 69 -32.68 -24.65 11.37
CA GLN B 69 -31.27 -24.94 11.14
C GLN B 69 -30.55 -25.18 12.46
N TYR B 70 -29.43 -25.90 12.34
CA TYR B 70 -28.49 -26.09 13.44
C TYR B 70 -27.90 -24.75 13.87
N VAL B 71 -28.11 -24.40 15.14
CA VAL B 71 -27.65 -23.13 15.70
C VAL B 71 -26.28 -23.35 16.34
N ASP B 72 -25.32 -22.49 15.99
CA ASP B 72 -23.94 -22.62 16.47
C ASP B 72 -23.81 -22.09 17.90
N GLU B 73 -23.45 -22.96 18.84
CA GLU B 73 -23.26 -22.58 20.24
CA GLU B 73 -23.24 -22.51 20.21
C GLU B 73 -21.83 -22.79 20.70
N GLN B 74 -20.87 -22.93 19.78
CA GLN B 74 -19.50 -23.14 20.20
C GLN B 74 -18.99 -21.97 21.04
N PHE B 75 -19.40 -20.75 20.71
CA PHE B 75 -18.93 -19.55 21.40
C PHE B 75 -20.14 -18.71 21.85
N PRO B 76 -20.85 -19.17 22.89
CA PRO B 76 -22.10 -18.50 23.27
C PRO B 76 -21.86 -17.02 23.60
N GLY B 77 -22.66 -16.16 22.99
CA GLY B 77 -22.59 -14.73 23.24
C GLY B 77 -21.46 -14.00 22.56
N PHE B 78 -20.62 -14.68 21.77
CA PHE B 78 -19.49 -14.05 21.10
C PHE B 78 -19.98 -13.51 19.75
N SER B 79 -19.76 -12.22 19.50
CA SER B 79 -20.39 -11.61 18.34
C SER B 79 -19.87 -12.19 17.03
N GLY B 80 -18.61 -12.65 17.01
CA GLY B 80 -18.01 -13.14 15.78
C GLY B 80 -18.69 -14.39 15.24
N SER B 81 -19.21 -15.23 16.12
CA SER B 81 -20.01 -16.37 15.72
C SER B 81 -21.51 -16.08 15.76
N GLU B 82 -21.98 -15.33 16.77
CA GLU B 82 -23.41 -15.06 16.88
C GLU B 82 -23.94 -14.26 15.69
N MET B 83 -23.09 -13.45 15.06
CA MET B 83 -23.55 -12.64 13.93
C MET B 83 -24.04 -13.49 12.76
N TRP B 84 -23.74 -14.80 12.73
CA TRP B 84 -24.15 -15.67 11.63
C TRP B 84 -25.39 -16.50 11.97
N ASN B 85 -25.79 -16.53 13.23
CA ASN B 85 -26.89 -17.36 13.70
C ASN B 85 -28.23 -16.69 13.39
N PRO B 86 -29.32 -17.47 13.33
CA PRO B 86 -30.64 -16.85 13.10
C PRO B 86 -30.93 -15.80 14.15
N ASN B 87 -31.33 -14.62 13.70
CA ASN B 87 -31.70 -13.52 14.61
C ASN B 87 -33.20 -13.31 14.65
N ARG B 88 -33.95 -14.20 14.03
CA ARG B 88 -35.41 -14.20 14.10
CA ARG B 88 -35.41 -14.21 14.09
C ARG B 88 -35.85 -15.60 14.54
N GLU B 89 -37.14 -15.75 14.83
CA GLU B 89 -37.61 -17.07 15.22
C GLU B 89 -37.45 -18.03 14.04
N MET B 90 -37.05 -19.26 14.33
CA MET B 90 -36.93 -20.29 13.31
C MET B 90 -38.27 -20.97 13.06
N SER B 91 -38.56 -21.27 11.79
CA SER B 91 -39.81 -21.92 11.41
C SER B 91 -39.63 -22.58 10.05
N GLU B 92 -40.33 -23.71 9.85
CA GLU B 92 -40.39 -24.25 8.49
C GLU B 92 -41.15 -23.32 7.55
N ASP B 93 -41.96 -22.42 8.09
CA ASP B 93 -42.65 -21.39 7.33
C ASP B 93 -41.68 -20.22 7.20
N CYS B 94 -40.76 -20.34 6.23
CA CYS B 94 -39.65 -19.40 6.13
C CYS B 94 -39.35 -18.93 4.71
N LEU B 95 -40.21 -19.22 3.73
CA LEU B 95 -39.91 -18.89 2.34
C LEU B 95 -40.40 -17.48 2.00
N TYR B 96 -39.56 -16.49 2.34
CA TYR B 96 -39.87 -15.08 2.18
C TYR B 96 -38.70 -14.35 1.54
N LEU B 97 -38.95 -13.15 1.02
CA LEU B 97 -37.88 -12.33 0.47
C LEU B 97 -38.05 -10.89 0.93
N ASN B 98 -36.95 -10.13 0.88
CA ASN B 98 -36.92 -8.75 1.31
C ASN B 98 -36.46 -7.86 0.16
N ILE B 99 -37.00 -6.64 0.07
CA ILE B 99 -36.65 -5.74 -1.02
C ILE B 99 -36.36 -4.35 -0.48
N TRP B 100 -35.23 -3.78 -0.89
CA TRP B 100 -34.88 -2.39 -0.63
C TRP B 100 -34.96 -1.59 -1.93
N VAL B 101 -35.72 -0.50 -1.91
CA VAL B 101 -36.01 0.30 -3.10
C VAL B 101 -35.61 1.75 -2.85
N PRO B 102 -34.79 2.35 -3.73
CA PRO B 102 -34.47 3.77 -3.56
C PRO B 102 -35.73 4.63 -3.54
N SER B 103 -35.63 5.75 -2.84
CA SER B 103 -36.73 6.72 -2.73
C SER B 103 -36.25 8.08 -3.23
N PRO B 104 -36.95 8.67 -4.21
CA PRO B 104 -38.18 8.18 -4.85
C PRO B 104 -37.95 6.94 -5.70
N ARG B 105 -39.03 6.19 -5.92
CA ARG B 105 -38.94 4.92 -6.64
C ARG B 105 -38.36 5.14 -8.04
N PRO B 106 -37.33 4.42 -8.43
CA PRO B 106 -36.79 4.55 -9.79
C PRO B 106 -37.75 3.97 -10.81
N LYS B 107 -37.44 4.20 -12.09
CA LYS B 107 -38.37 3.76 -13.13
C LYS B 107 -38.15 2.30 -13.48
N SER B 108 -36.93 1.94 -13.88
CA SER B 108 -36.64 0.58 -14.32
C SER B 108 -35.15 0.30 -14.12
N THR B 109 -34.74 0.12 -12.87
CA THR B 109 -33.34 0.12 -12.53
C THR B 109 -32.82 -1.28 -12.25
N THR B 110 -31.49 -1.36 -12.19
CA THR B 110 -30.79 -2.63 -11.97
C THR B 110 -31.22 -3.29 -10.66
N VAL B 111 -31.38 -4.60 -10.72
CA VAL B 111 -31.78 -5.43 -9.58
C VAL B 111 -30.60 -6.31 -9.20
N MET B 112 -30.33 -6.43 -7.89
CA MET B 112 -29.36 -7.37 -7.35
C MET B 112 -30.06 -8.24 -6.32
N VAL B 113 -29.90 -9.56 -6.46
CA VAL B 113 -30.57 -10.54 -5.61
C VAL B 113 -29.53 -11.33 -4.85
N TRP B 114 -29.56 -11.21 -3.52
CA TRP B 114 -28.58 -11.85 -2.63
C TRP B 114 -29.02 -13.24 -2.21
N ILE B 115 -28.10 -14.20 -2.29
CA ILE B 115 -28.33 -15.58 -1.87
C ILE B 115 -27.35 -15.88 -0.74
N TYR B 116 -27.87 -16.13 0.47
CA TYR B 116 -26.98 -16.31 1.60
C TYR B 116 -26.26 -17.67 1.55
N GLY B 117 -25.08 -17.70 2.17
CA GLY B 117 -24.36 -18.93 2.40
C GLY B 117 -24.62 -19.53 3.77
N GLY B 118 -23.76 -20.48 4.15
CA GLY B 118 -24.00 -21.27 5.35
C GLY B 118 -23.95 -22.77 5.08
N GLY B 119 -23.17 -23.18 4.09
CA GLY B 119 -22.89 -24.60 3.89
C GLY B 119 -24.08 -25.45 3.47
N PHE B 120 -25.16 -24.82 3.00
CA PHE B 120 -26.46 -25.41 2.69
C PHE B 120 -27.17 -25.98 3.93
N TYR B 121 -26.60 -25.83 5.13
CA TYR B 121 -27.24 -26.31 6.36
C TYR B 121 -27.69 -25.18 7.28
N SER B 122 -27.30 -23.94 7.00
CA SER B 122 -27.61 -22.80 7.84
C SER B 122 -27.73 -21.57 6.97
N GLY B 123 -28.07 -20.44 7.60
CA GLY B 123 -28.13 -19.17 6.90
C GLY B 123 -29.47 -18.48 7.06
N SER B 124 -29.45 -17.16 6.97
CA SER B 124 -30.63 -16.34 7.16
C SER B 124 -30.54 -15.11 6.27
N SER B 125 -31.67 -14.68 5.70
CA SER B 125 -31.66 -13.47 4.91
C SER B 125 -31.55 -12.21 5.78
N THR B 126 -31.74 -12.34 7.08
CA THR B 126 -32.02 -11.21 7.96
C THR B 126 -30.80 -10.78 8.79
N LEU B 127 -29.64 -11.34 8.51
CA LEU B 127 -28.45 -11.00 9.30
C LEU B 127 -28.10 -9.53 9.15
N ASP B 128 -27.51 -8.96 10.21
CA ASP B 128 -27.12 -7.54 10.18
C ASP B 128 -26.19 -7.24 9.00
N VAL B 129 -25.27 -8.16 8.66
CA VAL B 129 -24.35 -7.85 7.56
C VAL B 129 -24.99 -8.00 6.18
N TYR B 130 -26.23 -8.49 6.10
CA TYR B 130 -26.95 -8.55 4.82
C TYR B 130 -27.98 -7.42 4.66
N ASN B 131 -27.97 -6.42 5.55
CA ASN B 131 -28.90 -5.29 5.46
C ASN B 131 -28.69 -4.57 4.15
N GLY B 132 -29.67 -4.61 3.25
CA GLY B 132 -29.49 -4.08 1.93
C GLY B 132 -29.58 -2.58 1.78
N LYS B 133 -29.84 -1.84 2.85
CA LYS B 133 -30.21 -0.43 2.65
C LYS B 133 -29.03 0.43 2.25
N TYR B 134 -27.81 0.13 2.74
CA TYR B 134 -26.68 0.96 2.35
C TYR B 134 -26.34 0.79 0.88
N LEU B 135 -26.36 -0.44 0.38
CA LEU B 135 -26.05 -0.66 -1.03
C LEU B 135 -27.15 -0.11 -1.92
N ALA B 136 -28.41 -0.33 -1.55
CA ALA B 136 -29.50 0.17 -2.40
C ALA B 136 -29.48 1.68 -2.47
N TYR B 137 -29.29 2.35 -1.32
CA TYR B 137 -29.29 3.80 -1.30
C TYR B 137 -28.06 4.36 -2.02
N THR B 138 -26.87 3.82 -1.73
CA THR B 138 -25.64 4.42 -2.23
C THR B 138 -25.50 4.23 -3.73
N GLU B 139 -25.87 3.08 -4.26
CA GLU B 139 -25.68 2.79 -5.67
C GLU B 139 -26.98 2.86 -6.48
N GLU B 140 -28.11 3.16 -5.84
CA GLU B 140 -29.40 3.31 -6.53
CA GLU B 140 -29.41 3.29 -6.51
C GLU B 140 -29.76 2.01 -7.28
N VAL B 141 -29.74 0.90 -6.56
CA VAL B 141 -30.17 -0.36 -7.12
C VAL B 141 -31.35 -0.84 -6.28
N VAL B 142 -32.19 -1.66 -6.90
CA VAL B 142 -33.22 -2.40 -6.17
C VAL B 142 -32.55 -3.68 -5.65
N LEU B 143 -32.49 -3.82 -4.32
CA LEU B 143 -31.76 -4.94 -3.71
C LEU B 143 -32.74 -5.92 -3.08
N VAL B 144 -32.65 -7.17 -3.51
CA VAL B 144 -33.49 -8.25 -2.99
C VAL B 144 -32.61 -9.24 -2.25
N SER B 145 -33.10 -9.75 -1.12
CA SER B 145 -32.51 -10.93 -0.49
C SER B 145 -33.58 -12.01 -0.39
N LEU B 146 -33.26 -13.21 -0.87
CA LEU B 146 -34.19 -14.33 -0.86
C LEU B 146 -33.88 -15.25 0.31
N SER B 147 -34.66 -16.32 0.42
CA SER B 147 -34.41 -17.37 1.41
C SER B 147 -34.62 -18.72 0.76
N TYR B 148 -34.16 -19.77 1.42
CA TYR B 148 -34.30 -21.13 0.89
C TYR B 148 -34.10 -22.11 2.03
N ARG B 149 -34.82 -23.23 1.95
CA ARG B 149 -34.71 -24.28 2.95
C ARG B 149 -33.30 -24.84 2.97
N VAL B 150 -32.76 -25.04 4.18
CA VAL B 150 -31.42 -25.56 4.38
C VAL B 150 -31.51 -26.89 5.14
N GLY B 151 -30.37 -27.58 5.23
CA GLY B 151 -30.32 -28.88 5.88
C GLY B 151 -31.19 -29.91 5.18
N ALA B 152 -31.61 -30.92 5.96
CA ALA B 152 -32.49 -31.96 5.44
C ALA B 152 -33.77 -31.38 4.84
N PHE B 153 -34.26 -30.27 5.39
CA PHE B 153 -35.50 -29.67 4.89
C PHE B 153 -35.35 -29.20 3.45
N GLY B 154 -34.14 -28.79 3.06
CA GLY B 154 -33.93 -28.34 1.71
C GLY B 154 -33.23 -29.32 0.80
N PHE B 155 -32.54 -30.33 1.35
CA PHE B 155 -31.69 -31.13 0.51
C PHE B 155 -31.67 -32.63 0.81
N LEU B 156 -32.54 -33.14 1.68
CA LEU B 156 -32.77 -34.59 1.75
C LEU B 156 -33.11 -35.11 0.36
N ALA B 157 -32.43 -36.17 -0.07
CA ALA B 157 -32.50 -36.60 -1.46
C ALA B 157 -32.67 -38.11 -1.55
N LEU B 158 -33.84 -38.56 -1.97
CA LEU B 158 -34.14 -39.97 -2.23
C LEU B 158 -34.48 -40.09 -3.70
N HIS B 159 -33.44 -40.19 -4.54
CA HIS B 159 -33.63 -40.05 -5.98
C HIS B 159 -34.56 -41.14 -6.51
N GLY B 160 -35.53 -40.73 -7.32
CA GLY B 160 -36.61 -41.59 -7.74
C GLY B 160 -37.92 -41.28 -7.04
N SER B 161 -37.85 -40.74 -5.82
CA SER B 161 -39.04 -40.26 -5.14
C SER B 161 -39.40 -38.86 -5.63
N GLN B 162 -40.69 -38.62 -5.79
CA GLN B 162 -41.19 -37.28 -6.04
C GLN B 162 -41.60 -36.58 -4.75
N GLU B 163 -41.52 -37.25 -3.61
CA GLU B 163 -41.83 -36.63 -2.33
C GLU B 163 -40.60 -36.01 -1.67
N ALA B 164 -39.42 -36.57 -1.94
CA ALA B 164 -38.16 -36.02 -1.44
C ALA B 164 -37.11 -36.21 -2.53
N PRO B 165 -37.23 -35.46 -3.63
CA PRO B 165 -36.34 -35.67 -4.77
C PRO B 165 -34.95 -35.10 -4.59
N GLY B 166 -34.75 -34.22 -3.61
CA GLY B 166 -33.51 -33.49 -3.48
C GLY B 166 -33.57 -32.17 -4.21
N ASN B 167 -32.60 -31.30 -3.90
CA ASN B 167 -32.43 -30.00 -4.52
C ASN B 167 -33.60 -29.04 -4.30
N VAL B 168 -34.47 -29.27 -3.30
CA VAL B 168 -35.63 -28.40 -3.23
C VAL B 168 -35.26 -27.04 -2.69
N GLY B 169 -34.17 -26.93 -1.90
CA GLY B 169 -33.68 -25.61 -1.53
C GLY B 169 -33.24 -24.78 -2.72
N LEU B 170 -32.62 -25.42 -3.73
CA LEU B 170 -32.29 -24.70 -4.96
C LEU B 170 -33.55 -24.31 -5.73
N LEU B 171 -34.60 -25.14 -5.67
CA LEU B 171 -35.87 -24.76 -6.29
C LEU B 171 -36.54 -23.63 -5.54
N ASP B 172 -36.40 -23.58 -4.20
CA ASP B 172 -36.81 -22.41 -3.45
C ASP B 172 -36.17 -21.15 -4.02
N GLN B 173 -34.83 -21.17 -4.17
CA GLN B 173 -34.15 -20.01 -4.72
C GLN B 173 -34.69 -19.66 -6.09
N ARG B 174 -34.91 -20.68 -6.93
CA ARG B 174 -35.41 -20.43 -8.28
C ARG B 174 -36.81 -19.83 -8.24
N MET B 175 -37.67 -20.30 -7.33
CA MET B 175 -39.01 -19.72 -7.25
C MET B 175 -38.95 -18.26 -6.84
N ALA B 176 -38.02 -17.90 -5.94
CA ALA B 176 -37.87 -16.48 -5.63
C ALA B 176 -37.36 -15.70 -6.84
N LEU B 177 -36.46 -16.29 -7.64
CA LEU B 177 -36.04 -15.62 -8.87
C LEU B 177 -37.21 -15.46 -9.83
N GLN B 178 -38.07 -16.48 -9.91
CA GLN B 178 -39.27 -16.36 -10.74
C GLN B 178 -40.18 -15.25 -10.22
N TRP B 179 -40.29 -15.12 -8.90
CA TRP B 179 -41.13 -14.05 -8.34
C TRP B 179 -40.58 -12.67 -8.70
N VAL B 180 -39.25 -12.50 -8.58
CA VAL B 180 -38.59 -11.26 -8.99
C VAL B 180 -38.84 -11.00 -10.47
N HIS B 181 -38.68 -12.02 -11.30
CA HIS B 181 -38.91 -11.88 -12.73
C HIS B 181 -40.33 -11.36 -13.01
N ASP B 182 -41.31 -11.87 -12.27
CA ASP B 182 -42.70 -11.55 -12.51
C ASP B 182 -43.14 -10.25 -11.85
N ASN B 183 -42.46 -9.82 -10.80
CA ASN B 183 -42.99 -8.76 -9.95
C ASN B 183 -42.07 -7.57 -9.71
N ILE B 184 -40.75 -7.67 -9.99
CA ILE B 184 -39.88 -6.59 -9.56
C ILE B 184 -40.17 -5.29 -10.32
N GLN B 185 -40.79 -5.37 -11.49
CA GLN B 185 -41.18 -4.15 -12.20
C GLN B 185 -42.10 -3.27 -11.36
N PHE B 186 -42.89 -3.86 -10.46
CA PHE B 186 -43.81 -3.06 -9.65
C PHE B 186 -43.09 -2.23 -8.61
N PHE B 187 -41.82 -2.56 -8.31
CA PHE B 187 -40.99 -1.86 -7.36
C PHE B 187 -39.96 -0.96 -8.02
N GLY B 188 -40.04 -0.79 -9.33
CA GLY B 188 -39.07 0.01 -10.06
C GLY B 188 -37.86 -0.74 -10.57
N GLY B 189 -37.87 -2.06 -10.55
CA GLY B 189 -36.74 -2.85 -11.01
C GLY B 189 -36.93 -3.38 -12.42
N ASP B 190 -35.80 -3.54 -13.13
CA ASP B 190 -35.83 -4.07 -14.49
C ASP B 190 -35.63 -5.58 -14.45
N PRO B 191 -36.65 -6.39 -14.78
CA PRO B 191 -36.45 -7.85 -14.77
C PRO B 191 -35.47 -8.36 -15.81
N LYS B 192 -35.10 -7.56 -16.80
CA LYS B 192 -34.08 -7.97 -17.75
C LYS B 192 -32.67 -7.66 -17.31
N THR B 193 -32.48 -6.97 -16.17
CA THR B 193 -31.15 -6.65 -15.69
C THR B 193 -31.01 -7.05 -14.21
N VAL B 194 -31.17 -8.34 -13.96
CA VAL B 194 -31.11 -8.91 -12.61
C VAL B 194 -29.75 -9.57 -12.45
N THR B 195 -28.99 -9.16 -11.44
CA THR B 195 -27.77 -9.85 -11.04
C THR B 195 -28.03 -10.68 -9.78
N ILE B 196 -27.69 -11.96 -9.82
CA ILE B 196 -27.72 -12.77 -8.61
C ILE B 196 -26.31 -12.80 -8.03
N PHE B 197 -26.20 -12.60 -6.71
CA PHE B 197 -24.90 -12.67 -6.05
C PHE B 197 -25.02 -13.37 -4.71
N GLY B 198 -23.95 -14.04 -4.29
CA GLY B 198 -24.01 -14.80 -3.06
C GLY B 198 -22.61 -15.21 -2.64
N GLU B 199 -22.49 -15.61 -1.38
CA GLU B 199 -21.20 -15.93 -0.80
C GLU B 199 -21.22 -17.35 -0.23
N SER B 200 -20.08 -18.03 -0.35
CA SER B 200 -19.91 -19.42 0.08
C SER B 200 -20.97 -20.30 -0.58
N ALA B 201 -21.79 -21.00 0.22
CA ALA B 201 -22.87 -21.79 -0.37
C ALA B 201 -23.77 -20.94 -1.25
N GLY B 202 -23.91 -19.65 -0.92
CA GLY B 202 -24.63 -18.75 -1.82
C GLY B 202 -23.90 -18.54 -3.14
N GLY B 203 -22.57 -18.50 -3.10
CA GLY B 203 -21.81 -18.39 -4.33
C GLY B 203 -21.85 -19.67 -5.16
N ALA B 204 -21.75 -20.83 -4.50
CA ALA B 204 -21.98 -22.08 -5.20
C ALA B 204 -23.37 -22.10 -5.83
N SER B 205 -24.39 -21.65 -5.08
CA SER B 205 -25.76 -21.59 -5.60
C SER B 205 -25.82 -20.76 -6.89
N VAL B 206 -25.20 -19.58 -6.87
CA VAL B 206 -25.19 -18.72 -8.07
C VAL B 206 -24.62 -19.49 -9.26
N GLY B 207 -23.50 -20.18 -9.06
CA GLY B 207 -22.94 -21.00 -10.14
C GLY B 207 -23.84 -22.14 -10.55
N MET B 208 -24.63 -22.66 -9.61
CA MET B 208 -25.53 -23.76 -9.95
C MET B 208 -26.70 -23.27 -10.80
N HIS B 209 -27.17 -22.03 -10.57
CA HIS B 209 -28.18 -21.47 -11.47
C HIS B 209 -27.61 -21.13 -12.84
N ILE B 210 -26.31 -20.80 -12.91
CA ILE B 210 -25.65 -20.61 -14.20
C ILE B 210 -25.69 -21.91 -15.00
N LEU B 211 -25.53 -23.04 -14.33
CA LEU B 211 -25.50 -24.33 -15.02
C LEU B 211 -26.91 -24.84 -15.34
N SER B 212 -27.85 -24.70 -14.42
CA SER B 212 -29.14 -25.39 -14.55
C SER B 212 -30.01 -24.74 -15.62
N PRO B 213 -30.44 -25.47 -16.65
CA PRO B 213 -31.32 -24.89 -17.68
C PRO B 213 -32.59 -24.23 -17.14
N GLY B 214 -33.22 -24.82 -16.13
CA GLY B 214 -34.43 -24.25 -15.56
C GLY B 214 -34.22 -22.94 -14.83
N SER B 215 -32.97 -22.53 -14.58
CA SER B 215 -32.70 -21.27 -13.90
C SER B 215 -32.18 -20.16 -14.82
N ARG B 216 -31.59 -20.52 -15.97
CA ARG B 216 -30.76 -19.59 -16.73
C ARG B 216 -31.52 -18.35 -17.18
N ASP B 217 -32.80 -18.50 -17.50
CA ASP B 217 -33.56 -17.39 -18.04
C ASP B 217 -34.06 -16.42 -16.97
N LEU B 218 -33.80 -16.70 -15.70
CA LEU B 218 -34.33 -15.91 -14.60
C LEU B 218 -33.33 -14.91 -14.02
N PHE B 219 -32.23 -14.65 -14.72
CA PHE B 219 -31.30 -13.60 -14.30
C PHE B 219 -30.42 -13.24 -15.50
N ARG B 220 -29.75 -12.10 -15.38
CA ARG B 220 -28.93 -11.53 -16.44
C ARG B 220 -27.46 -11.86 -16.30
N ARG B 221 -26.90 -11.69 -15.10
CA ARG B 221 -25.47 -11.89 -14.85
C ARG B 221 -25.28 -12.23 -13.38
N ALA B 222 -24.02 -12.49 -12.99
CA ALA B 222 -23.81 -13.21 -11.73
C ALA B 222 -22.52 -12.79 -11.04
N ILE B 223 -22.54 -12.81 -9.70
CA ILE B 223 -21.38 -12.56 -8.85
C ILE B 223 -21.23 -13.71 -7.87
N LEU B 224 -20.03 -14.28 -7.76
CA LEU B 224 -19.76 -15.41 -6.88
C LEU B 224 -18.64 -15.03 -5.91
N GLN B 225 -18.93 -15.06 -4.62
CA GLN B 225 -17.97 -14.66 -3.59
C GLN B 225 -17.59 -15.90 -2.79
N SER B 226 -16.31 -16.30 -2.88
CA SER B 226 -15.79 -17.41 -2.07
C SER B 226 -16.64 -18.67 -2.20
N GLY B 227 -17.05 -18.99 -3.43
CA GLY B 227 -17.82 -20.21 -3.61
C GLY B 227 -18.09 -20.48 -5.08
N SER B 228 -18.17 -21.74 -5.47
CA SER B 228 -18.40 -22.09 -6.86
C SER B 228 -19.09 -23.44 -6.90
N PRO B 229 -19.77 -23.78 -8.00
CA PRO B 229 -20.70 -24.92 -7.96
C PRO B 229 -20.00 -26.27 -7.85
N ASN B 230 -18.76 -26.35 -8.33
CA ASN B 230 -17.92 -27.54 -8.28
C ASN B 230 -17.16 -27.72 -6.97
N CYS B 231 -17.41 -26.89 -5.94
CA CYS B 231 -16.70 -27.08 -4.67
C CYS B 231 -16.94 -28.49 -4.13
N PRO B 232 -15.94 -29.10 -3.47
CA PRO B 232 -16.08 -30.51 -3.08
C PRO B 232 -17.15 -30.73 -2.02
N TRP B 233 -17.50 -29.71 -1.25
CA TRP B 233 -18.52 -29.79 -0.22
C TRP B 233 -19.91 -29.45 -0.74
N ALA B 234 -20.03 -28.93 -1.96
CA ALA B 234 -21.26 -28.29 -2.43
C ALA B 234 -22.24 -29.27 -3.09
N SER B 235 -21.84 -30.50 -3.39
CA SER B 235 -22.77 -31.46 -3.95
C SER B 235 -22.35 -32.88 -3.60
N VAL B 236 -23.31 -33.80 -3.75
CA VAL B 236 -23.09 -35.23 -3.57
C VAL B 236 -23.76 -35.97 -4.73
N SER B 237 -23.39 -37.24 -4.88
CA SER B 237 -24.05 -38.10 -5.86
C SER B 237 -25.41 -38.56 -5.33
N VAL B 238 -26.25 -39.05 -6.26
CA VAL B 238 -27.56 -39.56 -5.87
C VAL B 238 -27.43 -40.73 -4.92
N ALA B 239 -26.38 -41.56 -5.11
CA ALA B 239 -26.18 -42.70 -4.22
C ALA B 239 -25.80 -42.23 -2.81
N GLU B 240 -24.88 -41.27 -2.71
CA GLU B 240 -24.50 -40.76 -1.39
C GLU B 240 -25.63 -39.99 -0.74
N GLY B 241 -26.39 -39.21 -1.53
CA GLY B 241 -27.56 -38.56 -0.97
C GLY B 241 -28.57 -39.56 -0.41
N ARG B 242 -28.74 -40.68 -1.09
CA ARG B 242 -29.63 -41.72 -0.61
C ARG B 242 -29.09 -42.36 0.67
N ARG B 243 -27.79 -42.68 0.69
CA ARG B 243 -27.20 -43.24 1.89
C ARG B 243 -27.39 -42.32 3.10
N ARG B 244 -27.19 -41.02 2.90
CA ARG B 244 -27.34 -40.09 4.03
C ARG B 244 -28.79 -39.97 4.49
N ALA B 245 -29.73 -40.01 3.55
CA ALA B 245 -31.14 -39.98 3.92
C ALA B 245 -31.52 -41.20 4.74
N VAL B 246 -31.11 -42.39 4.29
CA VAL B 246 -31.42 -43.60 5.03
C VAL B 246 -30.75 -43.58 6.40
N GLU B 247 -29.51 -43.11 6.46
CA GLU B 247 -28.81 -43.03 7.75
C GLU B 247 -29.52 -42.06 8.69
N LEU B 248 -30.09 -40.97 8.16
CA LEU B 248 -30.90 -40.09 8.99
C LEU B 248 -32.08 -40.86 9.59
N GLY B 249 -32.78 -41.64 8.77
CA GLY B 249 -33.86 -42.47 9.28
C GLY B 249 -33.38 -43.49 10.31
N ARG B 250 -32.21 -44.07 10.08
CA ARG B 250 -31.65 -45.03 11.04
C ARG B 250 -31.40 -44.35 12.38
N ASN B 251 -30.86 -43.13 12.37
CA ASN B 251 -30.65 -42.38 13.60
C ASN B 251 -31.95 -42.08 14.34
N LEU B 252 -33.08 -42.08 13.64
CA LEU B 252 -34.36 -41.75 14.26
C LEU B 252 -35.29 -42.95 14.35
N ASN B 253 -34.75 -44.16 14.23
CA ASN B 253 -35.50 -45.40 14.35
C ASN B 253 -36.69 -45.43 13.41
N CYS B 254 -36.45 -45.05 12.15
CA CYS B 254 -37.47 -45.07 11.13
C CYS B 254 -37.52 -46.42 10.41
N ASN B 255 -38.71 -46.78 9.96
CA ASN B 255 -38.86 -47.86 9.01
C ASN B 255 -38.09 -47.51 7.74
N LEU B 256 -37.21 -48.42 7.31
CA LEU B 256 -36.33 -48.15 6.18
C LEU B 256 -36.66 -48.96 4.94
N ASN B 257 -37.78 -49.69 4.94
CA ASN B 257 -38.05 -50.66 3.89
C ASN B 257 -38.46 -50.03 2.56
N SER B 258 -38.89 -48.76 2.56
CA SER B 258 -39.21 -48.08 1.32
C SER B 258 -39.05 -46.59 1.53
N ASP B 259 -38.89 -45.87 0.41
CA ASP B 259 -38.82 -44.42 0.47
C ASP B 259 -40.09 -43.84 1.10
N GLU B 260 -41.23 -44.40 0.73
CA GLU B 260 -42.51 -43.90 1.22
C GLU B 260 -42.59 -43.97 2.74
N GLU B 261 -42.16 -45.10 3.32
CA GLU B 261 -42.22 -45.24 4.77
C GLU B 261 -41.15 -44.41 5.47
N LEU B 262 -39.95 -44.36 4.90
CA LEU B 262 -38.88 -43.52 5.45
C LEU B 262 -39.30 -42.06 5.49
N ILE B 263 -39.80 -41.54 4.36
CA ILE B 263 -40.22 -40.14 4.28
C ILE B 263 -41.36 -39.88 5.26
N HIS B 264 -42.33 -40.80 5.32
CA HIS B 264 -43.46 -40.62 6.22
C HIS B 264 -42.99 -40.52 7.67
N CYS B 265 -42.02 -41.35 8.04
CA CYS B 265 -41.45 -41.28 9.39
C CYS B 265 -40.76 -39.94 9.63
N LEU B 266 -39.98 -39.46 8.65
CA LEU B 266 -39.26 -38.21 8.83
C LEU B 266 -40.20 -37.01 8.86
N ARG B 267 -41.31 -37.07 8.13
CA ARG B 267 -42.27 -35.97 8.16
C ARG B 267 -43.01 -35.87 9.48
N GLU B 268 -43.04 -36.93 10.28
CA GLU B 268 -43.71 -36.87 11.57
C GLU B 268 -42.84 -36.30 12.68
N LYS B 269 -41.54 -36.15 12.44
CA LYS B 269 -40.65 -35.67 13.48
C LYS B 269 -40.70 -34.15 13.57
N LYS B 270 -40.53 -33.63 14.78
CA LYS B 270 -40.35 -32.20 14.98
CA LYS B 270 -40.38 -32.20 14.94
C LYS B 270 -39.06 -31.75 14.30
N PRO B 271 -39.00 -30.53 13.78
CA PRO B 271 -37.79 -30.09 13.05
C PRO B 271 -36.49 -30.27 13.85
N GLN B 272 -36.52 -29.93 15.14
CA GLN B 272 -35.30 -30.04 15.95
C GLN B 272 -34.83 -31.47 16.07
N GLU B 273 -35.75 -32.44 15.98
CA GLU B 273 -35.33 -33.84 16.02
C GLU B 273 -34.41 -34.20 14.86
N LEU B 274 -34.74 -33.72 13.65
CA LEU B 274 -33.87 -33.94 12.49
C LEU B 274 -32.53 -33.25 12.69
N ILE B 275 -32.57 -31.99 13.13
CA ILE B 275 -31.36 -31.19 13.23
C ILE B 275 -30.39 -31.79 14.25
N ASP B 276 -30.92 -32.38 15.33
CA ASP B 276 -30.06 -32.90 16.38
C ASP B 276 -29.19 -34.07 15.91
N VAL B 277 -29.57 -34.76 14.83
CA VAL B 277 -28.78 -35.89 14.34
C VAL B 277 -28.17 -35.61 12.97
N GLU B 278 -28.32 -34.38 12.46
CA GLU B 278 -27.88 -34.07 11.10
C GLU B 278 -26.42 -34.41 10.88
N TRP B 279 -25.55 -34.00 11.79
CA TRP B 279 -24.12 -34.22 11.58
C TRP B 279 -23.74 -35.70 11.65
N ASN B 280 -24.63 -36.57 12.10
CA ASN B 280 -24.30 -37.98 12.26
C ASN B 280 -24.27 -38.74 10.94
N VAL B 281 -24.82 -38.19 9.85
CA VAL B 281 -24.85 -38.95 8.60
C VAL B 281 -23.60 -38.75 7.74
N LEU B 282 -22.71 -37.82 8.12
CA LEU B 282 -21.51 -37.62 7.31
C LEU B 282 -20.70 -38.92 7.28
N PRO B 283 -20.02 -39.20 6.16
CA PRO B 283 -19.28 -40.46 6.06
C PRO B 283 -17.96 -40.46 6.80
N PHE B 284 -17.37 -39.30 7.10
CA PHE B 284 -16.06 -39.27 7.74
C PHE B 284 -16.01 -38.12 8.73
N ASP B 285 -15.09 -38.23 9.69
CA ASP B 285 -14.71 -37.07 10.47
C ASP B 285 -14.09 -36.04 9.54
N SER B 286 -14.54 -34.80 9.63
CA SER B 286 -14.16 -33.87 8.59
C SER B 286 -14.40 -32.45 9.06
N ILE B 287 -13.78 -31.51 8.34
CA ILE B 287 -14.18 -30.12 8.42
C ILE B 287 -14.53 -29.67 7.00
N PHE B 288 -15.33 -28.60 6.93
CA PHE B 288 -15.81 -28.07 5.65
C PHE B 288 -16.56 -29.15 4.86
N ARG B 289 -17.34 -29.97 5.57
CA ARG B 289 -18.29 -30.91 4.95
C ARG B 289 -19.63 -30.81 5.65
N PHE B 290 -20.72 -30.90 4.87
CA PHE B 290 -22.08 -30.68 5.34
C PHE B 290 -23.00 -31.80 4.84
N SER B 291 -23.96 -32.16 5.68
CA SER B 291 -24.70 -33.42 5.48
C SER B 291 -25.63 -33.34 4.27
N PHE B 292 -26.45 -32.31 4.17
CA PHE B 292 -27.51 -32.29 3.15
C PHE B 292 -27.26 -31.13 2.19
N VAL B 293 -26.81 -31.48 0.98
CA VAL B 293 -26.35 -30.52 -0.03
C VAL B 293 -26.98 -30.88 -1.37
N PRO B 294 -26.85 -30.02 -2.41
CA PRO B 294 -27.37 -30.37 -3.74
C PRO B 294 -26.90 -31.74 -4.22
N VAL B 295 -27.77 -32.44 -4.95
CA VAL B 295 -27.45 -33.74 -5.56
C VAL B 295 -27.38 -33.59 -7.06
N ILE B 296 -26.44 -34.32 -7.68
CA ILE B 296 -26.30 -34.35 -9.14
C ILE B 296 -27.32 -35.34 -9.67
N ASP B 297 -28.48 -34.82 -10.11
CA ASP B 297 -29.70 -35.60 -10.17
C ASP B 297 -30.17 -35.96 -11.58
N GLY B 298 -29.55 -35.43 -12.62
CA GLY B 298 -30.08 -35.60 -13.96
C GLY B 298 -31.25 -34.71 -14.31
N GLU B 299 -31.68 -33.84 -13.40
CA GLU B 299 -32.82 -32.97 -13.64
C GLU B 299 -32.41 -31.50 -13.46
N PHE B 300 -32.26 -31.05 -12.21
CA PHE B 300 -31.67 -29.73 -11.99
C PHE B 300 -30.31 -29.64 -12.65
N PHE B 301 -29.50 -30.67 -12.52
CA PHE B 301 -28.23 -30.79 -13.23
C PHE B 301 -28.35 -31.92 -14.24
N PRO B 302 -28.48 -31.63 -15.54
CA PRO B 302 -28.68 -32.71 -16.52
C PRO B 302 -27.55 -33.74 -16.57
N THR B 303 -26.29 -33.32 -16.45
CA THR B 303 -25.18 -34.27 -16.37
C THR B 303 -24.23 -33.79 -15.27
N SER B 304 -23.06 -34.44 -15.18
CA SER B 304 -22.06 -34.06 -14.20
C SER B 304 -21.66 -32.59 -14.38
N LEU B 305 -21.26 -31.96 -13.28
CA LEU B 305 -20.83 -30.56 -13.36
C LEU B 305 -19.65 -30.41 -14.30
N GLU B 306 -18.69 -31.33 -14.21
CA GLU B 306 -17.50 -31.23 -15.06
C GLU B 306 -17.85 -31.35 -16.54
N SER B 307 -18.72 -32.31 -16.89
CA SER B 307 -19.11 -32.43 -18.30
C SER B 307 -19.87 -31.20 -18.79
N MET B 308 -20.69 -30.59 -17.93
CA MET B 308 -21.37 -29.35 -18.33
C MET B 308 -20.37 -28.22 -18.53
N LEU B 309 -19.38 -28.10 -17.62
CA LEU B 309 -18.37 -27.04 -17.78
C LEU B 309 -17.53 -27.27 -19.02
N ASN B 310 -17.16 -28.52 -19.29
CA ASN B 310 -16.32 -28.83 -20.44
C ASN B 310 -17.01 -28.57 -21.77
N SER B 311 -18.33 -28.79 -21.83
CA SER B 311 -19.05 -28.64 -23.09
C SER B 311 -19.61 -27.23 -23.30
N GLY B 312 -19.51 -26.35 -22.30
CA GLY B 312 -20.13 -25.05 -22.42
C GLY B 312 -21.62 -25.06 -22.20
N ASN B 313 -22.15 -26.12 -21.59
CA ASN B 313 -23.58 -26.24 -21.33
C ASN B 313 -23.93 -25.40 -20.10
N PHE B 314 -24.00 -24.09 -20.30
CA PHE B 314 -24.35 -23.19 -19.20
C PHE B 314 -24.68 -21.83 -19.78
N LYS B 315 -25.23 -20.97 -18.93
CA LYS B 315 -25.57 -19.61 -19.34
C LYS B 315 -24.31 -18.83 -19.67
N LYS B 316 -24.31 -18.19 -20.82
CA LYS B 316 -23.15 -17.43 -21.29
C LYS B 316 -23.43 -15.95 -21.08
N THR B 317 -22.70 -15.35 -20.15
CA THR B 317 -22.97 -13.98 -19.73
C THR B 317 -21.68 -13.48 -19.08
N GLN B 318 -21.77 -12.39 -18.32
CA GLN B 318 -20.62 -11.85 -17.60
C GLN B 318 -20.65 -12.32 -16.16
N ILE B 319 -19.47 -12.58 -15.59
CA ILE B 319 -19.38 -12.93 -14.18
C ILE B 319 -18.27 -12.13 -13.51
N LEU B 320 -18.49 -11.84 -12.23
CA LEU B 320 -17.48 -11.25 -11.36
C LEU B 320 -17.39 -12.13 -10.13
N LEU B 321 -16.17 -12.54 -9.76
CA LEU B 321 -16.04 -13.52 -8.69
C LEU B 321 -14.66 -13.41 -8.06
N GLY B 322 -14.50 -14.04 -6.91
CA GLY B 322 -13.22 -13.97 -6.23
C GLY B 322 -13.24 -14.67 -4.89
N VAL B 323 -12.13 -14.52 -4.16
CA VAL B 323 -11.85 -15.25 -2.93
C VAL B 323 -11.16 -14.32 -1.94
N ASN B 324 -11.12 -14.76 -0.67
CA ASN B 324 -10.44 -14.08 0.43
C ASN B 324 -9.13 -14.80 0.73
N LYS B 325 -8.23 -14.08 1.40
CA LYS B 325 -6.87 -14.60 1.58
C LYS B 325 -6.84 -15.86 2.45
N ASP B 326 -7.69 -15.93 3.48
CA ASP B 326 -7.60 -17.02 4.46
C ASP B 326 -8.96 -17.71 4.64
N GLU B 327 -9.46 -18.28 3.54
CA GLU B 327 -10.77 -18.93 3.56
C GLU B 327 -10.84 -20.04 4.59
N GLY B 328 -9.73 -20.74 4.82
CA GLY B 328 -9.86 -21.93 5.63
C GLY B 328 -9.85 -21.71 7.14
N SER B 329 -9.60 -20.49 7.61
CA SER B 329 -9.15 -20.35 9.00
C SER B 329 -10.25 -20.67 10.01
N PHE B 330 -11.48 -20.20 9.81
CA PHE B 330 -12.46 -20.47 10.85
C PHE B 330 -12.88 -21.93 10.86
N PHE B 331 -12.77 -22.64 9.73
CA PHE B 331 -13.09 -24.06 9.68
C PHE B 331 -12.18 -24.86 10.61
N LEU B 332 -10.91 -24.48 10.69
CA LEU B 332 -9.96 -25.19 11.55
C LEU B 332 -10.25 -24.92 13.01
N LEU B 333 -10.59 -23.67 13.33
CA LEU B 333 -10.96 -23.30 14.69
C LEU B 333 -12.13 -24.16 15.17
N TYR B 334 -13.04 -24.48 14.26
CA TYR B 334 -14.25 -25.19 14.64
C TYR B 334 -14.05 -26.69 14.79
N GLY B 335 -13.09 -27.28 14.09
CA GLY B 335 -13.01 -28.73 14.12
C GLY B 335 -11.65 -29.41 14.07
N ALA B 336 -10.53 -28.66 14.06
CA ALA B 336 -9.25 -29.35 13.99
C ALA B 336 -8.44 -29.16 15.27
N PRO B 337 -7.65 -30.17 15.66
CA PRO B 337 -6.93 -30.09 16.94
C PRO B 337 -5.82 -29.03 16.94
N GLY B 338 -5.69 -28.35 18.07
CA GLY B 338 -4.65 -27.37 18.30
C GLY B 338 -5.06 -25.93 18.08
N PHE B 339 -6.24 -25.70 17.48
CA PHE B 339 -6.68 -24.37 17.14
C PHE B 339 -7.53 -23.80 18.25
N SER B 340 -7.35 -22.50 18.51
CA SER B 340 -8.14 -21.82 19.52
CA SER B 340 -8.13 -21.82 19.53
C SER B 340 -8.28 -20.36 19.13
N LYS B 341 -9.45 -19.79 19.43
CA LYS B 341 -9.73 -18.40 19.18
C LYS B 341 -8.89 -17.48 20.06
N ASP B 342 -8.43 -17.99 21.20
CA ASP B 342 -7.74 -17.18 22.21
C ASP B 342 -6.24 -17.46 22.29
N SER B 343 -5.63 -17.96 21.21
CA SER B 343 -4.19 -18.20 21.21
C SER B 343 -3.69 -18.06 19.78
N GLU B 344 -2.36 -18.06 19.62
CA GLU B 344 -1.78 -18.00 18.27
C GLU B 344 -1.93 -19.30 17.52
N SER B 345 -2.39 -20.36 18.18
CA SER B 345 -2.71 -21.63 17.55
C SER B 345 -1.52 -22.20 16.79
N LYS B 346 -0.34 -22.16 17.42
CA LYS B 346 0.80 -22.85 16.83
C LYS B 346 0.53 -24.35 16.87
N ILE B 347 0.73 -25.00 15.72
CA ILE B 347 0.28 -26.36 15.47
C ILE B 347 1.50 -27.29 15.49
N SER B 348 1.44 -28.31 16.33
CA SER B 348 2.45 -29.36 16.34
C SER B 348 2.36 -30.20 15.08
N ARG B 349 3.45 -30.93 14.81
CA ARG B 349 3.48 -31.85 13.68
C ARG B 349 2.37 -32.88 13.75
N GLU B 350 2.14 -33.43 14.95
CA GLU B 350 1.09 -34.41 15.15
C GLU B 350 -0.28 -33.83 14.82
N ASP B 351 -0.54 -32.61 15.30
CA ASP B 351 -1.83 -31.98 15.01
C ASP B 351 -1.94 -31.58 13.54
N PHE B 352 -0.82 -31.20 12.91
CA PHE B 352 -0.84 -30.96 11.46
C PHE B 352 -1.34 -32.19 10.72
N MET B 353 -0.74 -33.36 10.99
CA MET B 353 -1.14 -34.58 10.30
C MET B 353 -2.62 -34.88 10.51
N SER B 354 -3.11 -34.73 11.73
CA SER B 354 -4.54 -34.95 11.97
CA SER B 354 -4.54 -34.94 11.98
C SER B 354 -5.38 -33.93 11.19
N GLY B 355 -4.88 -32.69 11.09
CA GLY B 355 -5.61 -31.67 10.35
C GLY B 355 -5.72 -31.96 8.86
N VAL B 356 -4.66 -32.49 8.23
CA VAL B 356 -4.82 -32.71 6.79
C VAL B 356 -5.79 -33.88 6.56
N LYS B 357 -5.83 -34.84 7.48
CA LYS B 357 -6.79 -35.93 7.37
C LYS B 357 -8.23 -35.44 7.50
N LEU B 358 -8.49 -34.52 8.43
CA LEU B 358 -9.82 -33.94 8.54
C LEU B 358 -10.14 -33.04 7.36
N SER B 359 -9.13 -32.46 6.73
CA SER B 359 -9.34 -31.49 5.66
C SER B 359 -9.56 -32.16 4.31
N VAL B 360 -8.96 -33.32 4.08
CA VAL B 360 -9.17 -34.06 2.83
C VAL B 360 -9.72 -35.43 3.20
N PRO B 361 -10.96 -35.50 3.70
CA PRO B 361 -11.43 -36.77 4.31
C PRO B 361 -11.57 -37.90 3.31
N HIS B 362 -11.79 -37.60 2.04
CA HIS B 362 -11.98 -38.61 1.01
C HIS B 362 -10.69 -39.21 0.49
N ALA B 363 -9.53 -38.75 0.93
CA ALA B 363 -8.27 -39.18 0.33
C ALA B 363 -7.77 -40.47 0.95
N ASN B 364 -7.15 -41.32 0.12
CA ASN B 364 -6.46 -42.48 0.64
C ASN B 364 -5.10 -42.05 1.19
N ASP B 365 -4.36 -43.01 1.73
CA ASP B 365 -3.11 -42.70 2.44
C ASP B 365 -2.10 -42.05 1.51
N LEU B 366 -2.03 -42.53 0.27
CA LEU B 366 -1.13 -41.92 -0.72
C LEU B 366 -1.52 -40.49 -1.00
N GLY B 367 -2.81 -40.21 -1.11
CA GLY B 367 -3.26 -38.85 -1.31
C GLY B 367 -2.91 -37.94 -0.13
N LEU B 368 -3.02 -38.48 1.09
CA LEU B 368 -2.67 -37.68 2.26
C LEU B 368 -1.18 -37.39 2.30
N ASP B 369 -0.34 -38.36 1.93
CA ASP B 369 1.09 -38.10 1.79
C ASP B 369 1.36 -36.97 0.78
N ALA B 370 0.64 -36.97 -0.34
CA ALA B 370 0.87 -35.98 -1.38
C ALA B 370 0.53 -34.57 -0.88
N VAL B 371 -0.62 -34.42 -0.24
CA VAL B 371 -0.99 -33.14 0.36
C VAL B 371 0.07 -32.70 1.36
N THR B 372 0.48 -33.60 2.26
CA THR B 372 1.45 -33.27 3.28
C THR B 372 2.76 -32.79 2.66
N LEU B 373 3.26 -33.53 1.66
CA LEU B 373 4.52 -33.14 1.04
C LEU B 373 4.40 -31.79 0.37
N GLN B 374 3.26 -31.51 -0.25
CA GLN B 374 3.07 -30.26 -0.98
C GLN B 374 3.04 -29.05 -0.05
N TYR B 375 2.65 -29.23 1.21
CA TYR B 375 2.47 -28.10 2.11
C TYR B 375 3.42 -28.12 3.32
N THR B 376 4.41 -29.00 3.34
CA THR B 376 5.34 -29.09 4.46
C THR B 376 6.70 -28.58 4.03
N ASP B 377 7.29 -27.70 4.84
CA ASP B 377 8.67 -27.26 4.67
C ASP B 377 9.55 -28.22 5.47
N TRP B 378 10.20 -29.16 4.78
CA TRP B 378 10.94 -30.20 5.48
C TRP B 378 12.29 -29.71 6.02
N MET B 379 12.67 -28.48 5.74
CA MET B 379 13.77 -27.84 6.46
C MET B 379 13.36 -27.34 7.84
N ASP B 380 12.06 -27.32 8.13
CA ASP B 380 11.57 -26.61 9.31
C ASP B 380 10.22 -27.17 9.73
N ASP B 381 10.09 -28.50 9.78
CA ASP B 381 8.80 -29.16 9.89
C ASP B 381 8.16 -28.99 11.27
N ASN B 382 8.90 -28.57 12.28
CA ASN B 382 8.33 -28.40 13.60
C ASN B 382 7.96 -26.95 13.91
N ASN B 383 8.00 -26.08 12.90
CA ASN B 383 7.61 -24.69 13.08
C ASN B 383 6.09 -24.64 13.22
N GLY B 384 5.60 -24.30 14.41
CA GLY B 384 4.15 -24.34 14.63
C GLY B 384 3.40 -23.27 13.85
N ILE B 385 4.05 -22.15 13.55
CA ILE B 385 3.41 -21.13 12.73
C ILE B 385 3.30 -21.59 11.27
N LYS B 386 4.36 -22.21 10.75
CA LYS B 386 4.28 -22.72 9.38
C LYS B 386 3.26 -23.84 9.29
N ASN B 387 3.20 -24.72 10.30
CA ASN B 387 2.21 -25.78 10.30
C ASN B 387 0.81 -25.21 10.35
N ARG B 388 0.60 -24.17 11.16
CA ARG B 388 -0.70 -23.53 11.27
C ARG B 388 -1.12 -22.95 9.93
N ASP B 389 -0.25 -22.12 9.33
CA ASP B 389 -0.60 -21.46 8.09
C ASP B 389 -0.70 -22.46 6.94
N GLY B 390 0.11 -23.53 6.98
CA GLY B 390 0.02 -24.55 5.94
C GLY B 390 -1.34 -25.23 5.93
N LEU B 391 -1.83 -25.59 7.12
CA LEU B 391 -3.17 -26.18 7.25
C LEU B 391 -4.24 -25.20 6.81
N ASP B 392 -4.11 -23.93 7.22
CA ASP B 392 -5.03 -22.88 6.79
C ASP B 392 -5.09 -22.84 5.26
N ASP B 393 -3.93 -22.82 4.60
CA ASP B 393 -3.89 -22.82 3.15
C ASP B 393 -4.52 -24.08 2.56
N ILE B 394 -4.23 -25.24 3.16
CA ILE B 394 -4.82 -26.49 2.65
C ILE B 394 -6.34 -26.38 2.63
N VAL B 395 -6.94 -25.95 3.73
CA VAL B 395 -8.41 -25.89 3.79
C VAL B 395 -8.94 -24.90 2.76
N GLY B 396 -8.34 -23.72 2.67
CA GLY B 396 -8.84 -22.72 1.74
C GLY B 396 -8.61 -23.09 0.28
N ASP B 397 -7.43 -23.64 -0.04
CA ASP B 397 -7.11 -24.01 -1.41
C ASP B 397 -8.01 -25.13 -1.91
N HIS B 398 -8.13 -26.20 -1.12
CA HIS B 398 -8.92 -27.36 -1.53
C HIS B 398 -10.41 -27.03 -1.62
N ASN B 399 -10.93 -26.27 -0.65
CA ASN B 399 -12.38 -26.11 -0.56
C ASN B 399 -12.92 -24.89 -1.30
N VAL B 400 -12.11 -23.85 -1.52
CA VAL B 400 -12.66 -22.64 -2.11
C VAL B 400 -11.83 -22.15 -3.30
N ILE B 401 -10.55 -21.86 -3.07
CA ILE B 401 -9.78 -21.15 -4.08
C ILE B 401 -9.61 -22.00 -5.32
N CYS B 402 -9.14 -23.25 -5.17
CA CYS B 402 -8.86 -23.99 -6.39
C CYS B 402 -10.13 -24.47 -7.11
N PRO B 403 -11.22 -24.83 -6.42
CA PRO B 403 -12.47 -25.05 -7.17
C PRO B 403 -12.91 -23.82 -7.93
N LEU B 404 -12.79 -22.63 -7.33
CA LEU B 404 -13.22 -21.43 -8.04
C LEU B 404 -12.31 -21.16 -9.23
N MET B 405 -11.00 -21.41 -9.08
CA MET B 405 -10.11 -21.19 -10.21
C MET B 405 -10.37 -22.17 -11.34
N HIS B 406 -10.77 -23.39 -11.01
CA HIS B 406 -11.16 -24.33 -12.06
C HIS B 406 -12.41 -23.85 -12.77
N PHE B 407 -13.41 -23.41 -12.00
CA PHE B 407 -14.62 -22.86 -12.59
C PHE B 407 -14.31 -21.67 -13.49
N VAL B 408 -13.48 -20.75 -13.00
CA VAL B 408 -13.28 -19.52 -13.76
C VAL B 408 -12.52 -19.81 -15.05
N ASN B 409 -11.59 -20.76 -15.03
CA ASN B 409 -10.88 -21.09 -16.26
C ASN B 409 -11.80 -21.80 -17.25
N LYS B 410 -12.67 -22.69 -16.77
CA LYS B 410 -13.63 -23.35 -17.65
C LYS B 410 -14.69 -22.40 -18.15
N TYR B 411 -15.22 -21.54 -17.26
CA TYR B 411 -16.28 -20.62 -17.70
C TYR B 411 -15.78 -19.67 -18.77
N THR B 412 -14.58 -19.12 -18.58
CA THR B 412 -14.08 -18.06 -19.45
C THR B 412 -13.89 -18.53 -20.89
N LYS B 413 -13.78 -19.84 -21.12
CA LYS B 413 -13.70 -20.37 -22.47
C LYS B 413 -14.95 -20.04 -23.29
N PHE B 414 -16.11 -19.96 -22.62
CA PHE B 414 -17.37 -19.76 -23.33
C PHE B 414 -18.10 -18.48 -22.93
N GLY B 415 -17.81 -17.89 -21.78
CA GLY B 415 -18.57 -16.75 -21.29
C GLY B 415 -18.28 -15.47 -22.06
N ASN B 416 -18.91 -14.38 -21.58
CA ASN B 416 -18.89 -13.09 -22.25
C ASN B 416 -18.19 -12.02 -21.43
N GLY B 417 -17.35 -12.42 -20.48
CA GLY B 417 -16.62 -11.45 -19.69
C GLY B 417 -16.44 -11.90 -18.25
N THR B 418 -15.19 -12.06 -17.80
CA THR B 418 -14.89 -12.50 -16.44
C THR B 418 -14.03 -11.46 -15.73
N TYR B 419 -14.40 -11.13 -14.50
CA TYR B 419 -13.61 -10.27 -13.62
C TYR B 419 -13.35 -11.01 -12.33
N LEU B 420 -12.07 -11.06 -11.92
CA LEU B 420 -11.62 -11.88 -10.80
C LEU B 420 -10.90 -11.02 -9.77
N TYR B 421 -11.18 -11.26 -8.48
CA TYR B 421 -10.59 -10.49 -7.40
C TYR B 421 -10.01 -11.39 -6.31
N PHE B 422 -9.10 -10.81 -5.53
CA PHE B 422 -8.48 -11.44 -4.38
C PHE B 422 -8.61 -10.45 -3.23
N PHE B 423 -9.53 -10.73 -2.30
CA PHE B 423 -9.80 -9.83 -1.17
C PHE B 423 -8.84 -10.17 -0.03
N ASN B 424 -7.97 -9.22 0.33
CA ASN B 424 -6.98 -9.54 1.36
C ASN B 424 -6.83 -8.45 2.41
N HIS B 425 -7.91 -7.74 2.73
CA HIS B 425 -7.90 -6.71 3.77
C HIS B 425 -8.41 -7.28 5.08
N ARG B 426 -7.61 -7.16 6.14
CA ARG B 426 -8.07 -7.51 7.48
C ARG B 426 -8.65 -6.27 8.14
N ALA B 427 -9.91 -6.36 8.58
CA ALA B 427 -10.60 -5.19 9.12
C ALA B 427 -9.99 -4.75 10.44
N SER B 428 -9.91 -3.42 10.62
CA SER B 428 -9.29 -2.85 11.81
C SER B 428 -10.05 -3.22 13.07
N ASN B 429 -11.35 -3.44 12.97
CA ASN B 429 -12.20 -3.70 14.13
C ASN B 429 -12.62 -5.17 14.25
N LEU B 430 -11.86 -6.08 13.64
CA LEU B 430 -12.20 -7.50 13.67
C LEU B 430 -12.11 -8.06 15.09
N VAL B 431 -13.04 -8.95 15.44
CA VAL B 431 -13.08 -9.52 16.78
C VAL B 431 -12.30 -10.83 16.88
N TRP B 432 -11.81 -11.36 15.79
CA TRP B 432 -11.11 -12.63 15.70
C TRP B 432 -9.60 -12.41 15.77
N PRO B 433 -8.86 -13.42 16.22
CA PRO B 433 -7.40 -13.27 16.37
C PRO B 433 -6.67 -13.14 15.04
N GLU B 434 -5.44 -12.63 15.15
CA GLU B 434 -4.66 -12.30 13.96
C GLU B 434 -4.36 -13.51 13.09
N TRP B 435 -4.16 -14.69 13.71
CA TRP B 435 -3.78 -15.86 12.92
C TRP B 435 -4.87 -16.23 11.90
N MET B 436 -6.11 -15.85 12.17
CA MET B 436 -7.20 -16.19 11.27
C MET B 436 -7.23 -15.31 10.02
N GLY B 437 -6.51 -14.20 10.03
CA GLY B 437 -6.27 -13.47 8.79
C GLY B 437 -7.54 -12.86 8.21
N VAL B 438 -7.73 -13.06 6.91
CA VAL B 438 -8.85 -12.51 6.14
C VAL B 438 -9.86 -13.65 5.96
N ILE B 439 -10.89 -13.62 6.77
CA ILE B 439 -11.70 -14.80 7.11
C ILE B 439 -12.81 -15.00 6.10
N HIS B 440 -13.19 -16.26 5.90
CA HIS B 440 -14.36 -16.62 5.10
C HIS B 440 -15.58 -15.84 5.57
N GLY B 441 -16.16 -15.03 4.67
CA GLY B 441 -17.33 -14.24 4.97
C GLY B 441 -17.09 -12.78 5.29
N TYR B 442 -15.84 -12.37 5.54
CA TYR B 442 -15.59 -11.03 6.06
C TYR B 442 -15.38 -10.00 4.97
N GLU B 443 -15.53 -10.38 3.70
CA GLU B 443 -15.70 -9.36 2.67
C GLU B 443 -17.15 -8.88 2.58
N ILE B 444 -18.10 -9.64 3.14
CA ILE B 444 -19.52 -9.34 2.94
C ILE B 444 -19.86 -7.96 3.50
N GLU B 445 -19.33 -7.64 4.70
CA GLU B 445 -19.63 -6.35 5.32
C GLU B 445 -19.15 -5.19 4.46
N PHE B 446 -18.09 -5.37 3.67
CA PHE B 446 -17.68 -4.33 2.74
C PHE B 446 -18.62 -4.26 1.54
N VAL B 447 -19.05 -5.41 1.02
CA VAL B 447 -19.98 -5.43 -0.11
C VAL B 447 -21.29 -4.72 0.26
N PHE B 448 -21.73 -4.87 1.50
CA PHE B 448 -23.01 -4.29 1.93
C PHE B 448 -22.84 -2.92 2.60
N GLY B 449 -21.64 -2.37 2.60
CA GLY B 449 -21.46 -0.98 2.96
C GLY B 449 -21.46 -0.68 4.44
N LEU B 450 -21.30 -1.68 5.28
CA LEU B 450 -21.27 -1.43 6.72
C LEU B 450 -20.19 -0.44 7.16
N PRO B 451 -19.01 -0.37 6.55
CA PRO B 451 -18.05 0.67 6.95
C PRO B 451 -18.53 2.10 6.74
N LEU B 452 -19.68 2.32 6.09
CA LEU B 452 -20.24 3.67 5.96
C LEU B 452 -20.94 4.12 7.22
N VAL B 453 -21.14 3.23 8.19
CA VAL B 453 -21.82 3.56 9.44
C VAL B 453 -20.75 3.98 10.44
N LYS B 454 -20.75 5.27 10.79
CA LYS B 454 -19.71 5.81 11.67
C LYS B 454 -19.61 5.04 12.98
N GLU B 455 -20.75 4.58 13.48
CA GLU B 455 -20.83 3.97 14.81
C GLU B 455 -20.09 2.64 14.89
N LEU B 456 -19.80 2.00 13.76
CA LEU B 456 -19.13 0.71 13.75
C LEU B 456 -17.60 0.85 13.79
N ASN B 457 -17.08 2.08 13.72
CA ASN B 457 -15.67 2.37 13.97
C ASN B 457 -14.74 1.70 12.94
N TYR B 458 -15.18 1.64 11.69
CA TYR B 458 -14.23 1.36 10.60
C TYR B 458 -13.41 2.63 10.31
N THR B 459 -12.24 2.42 9.70
CA THR B 459 -11.40 3.56 9.36
C THR B 459 -11.91 4.26 8.10
N ALA B 460 -11.43 5.49 7.90
CA ALA B 460 -11.77 6.22 6.69
C ALA B 460 -11.31 5.46 5.45
N GLU B 461 -10.15 4.82 5.52
CA GLU B 461 -9.69 4.01 4.40
C GLU B 461 -10.61 2.82 4.15
N GLU B 462 -11.20 2.25 5.20
CA GLU B 462 -12.12 1.13 5.03
C GLU B 462 -13.46 1.59 4.45
N GLU B 463 -13.95 2.77 4.85
CA GLU B 463 -15.13 3.32 4.18
C GLU B 463 -14.87 3.53 2.69
N ALA B 464 -13.68 4.05 2.35
CA ALA B 464 -13.35 4.23 0.93
C ALA B 464 -13.31 2.89 0.20
N LEU B 465 -12.75 1.87 0.85
CA LEU B 465 -12.70 0.54 0.24
C LEU B 465 -14.11 -0.01 0.03
N SER B 466 -14.97 0.10 1.05
CA SER B 466 -16.35 -0.34 0.89
C SER B 466 -17.05 0.39 -0.25
N ARG B 467 -16.85 1.71 -0.36
CA ARG B 467 -17.50 2.46 -1.43
C ARG B 467 -17.00 2.02 -2.79
N ARG B 468 -15.69 1.75 -2.91
CA ARG B 468 -15.15 1.23 -4.17
C ARG B 468 -15.78 -0.11 -4.51
N ILE B 469 -15.89 -1.01 -3.53
CA ILE B 469 -16.41 -2.35 -3.80
C ILE B 469 -17.89 -2.28 -4.18
N MET B 470 -18.68 -1.49 -3.45
CA MET B 470 -20.10 -1.35 -3.82
C MET B 470 -20.25 -0.79 -5.24
N HIS B 471 -19.38 0.15 -5.63
CA HIS B 471 -19.51 0.71 -6.97
C HIS B 471 -19.08 -0.29 -8.03
N TYR B 472 -18.00 -1.04 -7.79
CA TYR B 472 -17.64 -2.15 -8.69
C TYR B 472 -18.81 -3.12 -8.85
N TRP B 473 -19.36 -3.59 -7.73
CA TRP B 473 -20.43 -4.59 -7.77
C TRP B 473 -21.64 -4.07 -8.53
N ALA B 474 -22.09 -2.86 -8.20
CA ALA B 474 -23.30 -2.31 -8.80
C ALA B 474 -23.07 -1.87 -10.24
N THR B 475 -21.88 -1.34 -10.55
CA THR B 475 -21.60 -0.99 -11.94
C THR B 475 -21.54 -2.25 -12.80
N PHE B 476 -20.94 -3.33 -12.28
CA PHE B 476 -21.00 -4.61 -12.98
C PHE B 476 -22.45 -5.06 -13.16
N ALA B 477 -23.26 -4.95 -12.10
CA ALA B 477 -24.65 -5.38 -12.20
C ALA B 477 -25.38 -4.63 -13.31
N LYS B 478 -25.12 -3.31 -13.42
CA LYS B 478 -25.82 -2.47 -14.40
C LYS B 478 -25.33 -2.70 -15.82
N THR B 479 -24.04 -3.01 -16.01
CA THR B 479 -23.43 -2.96 -17.32
C THR B 479 -22.66 -4.21 -17.73
N GLY B 480 -22.36 -5.13 -16.81
CA GLY B 480 -21.50 -6.24 -17.15
C GLY B 480 -20.02 -5.94 -17.06
N ASN B 481 -19.65 -4.78 -16.57
CA ASN B 481 -18.26 -4.34 -16.47
C ASN B 481 -18.16 -3.53 -15.19
N PRO B 482 -17.28 -3.90 -14.24
CA PRO B 482 -17.21 -3.14 -12.97
C PRO B 482 -16.60 -1.78 -13.14
N ASN B 483 -15.99 -1.48 -14.28
CA ASN B 483 -15.35 -0.20 -14.51
C ASN B 483 -16.33 0.77 -15.13
N GLU B 484 -16.25 2.03 -14.73
CA GLU B 484 -16.92 3.09 -15.45
C GLU B 484 -15.98 3.61 -16.54
N PRO B 485 -16.40 3.60 -17.81
CA PRO B 485 -15.53 4.11 -18.88
C PRO B 485 -15.15 5.58 -18.69
N HIS B 486 -14.13 5.81 -17.86
CA HIS B 486 -13.55 7.10 -17.48
C HIS B 486 -12.89 6.97 -16.11
N SER B 487 -11.62 7.34 -16.01
CA SER B 487 -10.96 7.32 -14.70
C SER B 487 -11.32 8.55 -13.91
N SER B 490 -8.34 3.78 -11.79
CA SER B 490 -7.61 2.70 -12.44
C SER B 490 -8.55 1.55 -12.77
N LYS B 491 -8.20 0.77 -13.78
CA LYS B 491 -9.12 -0.16 -14.42
C LYS B 491 -8.84 -1.59 -13.98
N TRP B 492 -9.91 -2.29 -13.58
CA TRP B 492 -9.95 -3.72 -13.30
C TRP B 492 -10.00 -4.46 -14.63
N PRO B 493 -8.93 -5.16 -15.02
CA PRO B 493 -8.92 -5.80 -16.34
C PRO B 493 -9.72 -7.09 -16.37
N LEU B 494 -10.29 -7.37 -17.55
CA LEU B 494 -10.88 -8.67 -17.83
C LEU B 494 -9.90 -9.80 -17.55
N PHE B 495 -10.41 -10.85 -16.90
CA PHE B 495 -9.73 -12.14 -16.85
C PHE B 495 -9.85 -12.83 -18.20
N THR B 496 -8.73 -13.21 -18.80
CA THR B 496 -8.71 -13.91 -20.08
C THR B 496 -8.03 -15.27 -19.95
N THR B 497 -8.44 -16.20 -20.82
CA THR B 497 -7.82 -17.52 -20.86
C THR B 497 -6.29 -17.42 -20.91
N LYS B 498 -5.77 -16.46 -21.67
CA LYS B 498 -4.33 -16.41 -21.89
C LYS B 498 -3.59 -15.73 -20.74
N GLU B 499 -4.04 -14.54 -20.34
CA GLU B 499 -3.29 -13.75 -19.37
C GLU B 499 -3.75 -13.93 -17.93
N GLN B 500 -5.00 -14.35 -17.71
CA GLN B 500 -5.48 -14.78 -16.40
C GLN B 500 -5.31 -13.70 -15.31
N LYS B 501 -5.61 -12.45 -15.65
CA LYS B 501 -5.39 -11.34 -14.73
C LYS B 501 -6.47 -11.26 -13.66
N PHE B 502 -6.07 -10.78 -12.48
CA PHE B 502 -6.98 -10.47 -11.38
C PHE B 502 -6.41 -9.28 -10.62
N ILE B 503 -7.25 -8.68 -9.77
CA ILE B 503 -6.82 -7.59 -8.91
C ILE B 503 -6.93 -7.99 -7.45
N ASP B 504 -6.09 -7.37 -6.63
CA ASP B 504 -6.31 -7.35 -5.18
C ASP B 504 -7.38 -6.32 -4.85
N LEU B 505 -8.17 -6.62 -3.83
CA LEU B 505 -9.09 -5.64 -3.24
C LEU B 505 -8.63 -5.37 -1.82
N ASN B 506 -8.17 -4.15 -1.57
CA ASN B 506 -7.71 -3.75 -0.23
C ASN B 506 -7.60 -2.22 -0.21
N THR B 507 -7.00 -1.68 0.84
CA THR B 507 -6.95 -0.23 1.01
C THR B 507 -5.81 0.42 0.23
N GLU B 508 -4.94 -0.37 -0.42
CA GLU B 508 -3.84 0.14 -1.22
C GLU B 508 -4.28 0.37 -2.67
N PRO B 509 -3.53 1.20 -3.41
CA PRO B 509 -3.80 1.33 -4.85
C PRO B 509 -3.76 -0.01 -5.55
N MET B 510 -4.57 -0.11 -6.61
CA MET B 510 -4.83 -1.38 -7.27
C MET B 510 -3.54 -2.01 -7.79
N LYS B 511 -3.39 -3.31 -7.53
CA LYS B 511 -2.37 -4.15 -8.16
C LYS B 511 -3.05 -5.18 -9.07
N VAL B 512 -2.52 -5.34 -10.27
CA VAL B 512 -2.91 -6.41 -11.17
C VAL B 512 -1.91 -7.56 -11.02
N HIS B 513 -2.42 -8.78 -10.96
CA HIS B 513 -1.60 -9.99 -10.90
C HIS B 513 -2.10 -10.97 -11.94
N GLN B 514 -1.38 -12.09 -12.07
CA GLN B 514 -1.79 -13.17 -12.97
C GLN B 514 -1.68 -14.52 -12.29
N ARG B 515 -2.55 -15.45 -12.71
CA ARG B 515 -2.52 -16.86 -12.34
C ARG B 515 -2.64 -17.06 -10.82
N LEU B 516 -3.82 -16.72 -10.32
CA LEU B 516 -4.11 -16.79 -8.89
C LEU B 516 -3.84 -18.19 -8.35
N ARG B 517 -2.88 -18.27 -7.41
CA ARG B 517 -2.47 -19.50 -6.71
C ARG B 517 -2.36 -20.69 -7.67
N VAL B 518 -1.66 -20.46 -8.78
CA VAL B 518 -1.66 -21.44 -9.86
C VAL B 518 -0.92 -22.70 -9.46
N GLN B 519 0.16 -22.57 -8.69
CA GLN B 519 0.96 -23.75 -8.33
C GLN B 519 0.15 -24.73 -7.50
N MET B 520 -0.47 -24.25 -6.42
CA MET B 520 -1.25 -25.16 -5.60
C MET B 520 -2.48 -25.67 -6.34
N CYS B 521 -3.07 -24.85 -7.21
CA CYS B 521 -4.28 -25.33 -7.87
C CYS B 521 -3.98 -26.35 -8.97
N VAL B 522 -2.78 -26.35 -9.55
CA VAL B 522 -2.43 -27.51 -10.37
C VAL B 522 -2.47 -28.77 -9.54
N PHE B 523 -1.96 -28.70 -8.30
CA PHE B 523 -1.99 -29.88 -7.43
C PHE B 523 -3.42 -30.31 -7.14
N TRP B 524 -4.28 -29.37 -6.75
CA TRP B 524 -5.63 -29.73 -6.34
C TRP B 524 -6.51 -30.10 -7.53
N ASN B 525 -6.33 -29.44 -8.68
CA ASN B 525 -7.26 -29.62 -9.78
C ASN B 525 -6.82 -30.67 -10.79
N GLN B 526 -5.52 -30.92 -10.91
CA GLN B 526 -5.02 -31.88 -11.89
C GLN B 526 -4.37 -33.09 -11.24
N PHE B 527 -3.35 -32.91 -10.40
CA PHE B 527 -2.57 -34.05 -9.96
C PHE B 527 -3.34 -34.90 -8.94
N LEU B 528 -3.82 -34.29 -7.86
CA LEU B 528 -4.45 -35.10 -6.82
C LEU B 528 -5.65 -35.90 -7.33
N PRO B 529 -6.58 -35.34 -8.12
CA PRO B 529 -7.66 -36.19 -8.64
C PRO B 529 -7.16 -37.38 -9.43
N LYS B 530 -6.08 -37.20 -10.20
CA LYS B 530 -5.50 -38.32 -10.94
C LYS B 530 -4.87 -39.33 -10.00
N LEU B 531 -4.20 -38.86 -8.93
CA LEU B 531 -3.66 -39.78 -7.95
C LEU B 531 -4.79 -40.59 -7.29
N LEU B 532 -5.85 -39.91 -6.85
CA LEU B 532 -6.90 -40.60 -6.12
C LEU B 532 -7.64 -41.60 -6.99
N ASN B 533 -7.60 -41.46 -8.30
CA ASN B 533 -8.33 -42.31 -9.22
C ASN B 533 -7.53 -43.51 -9.70
N ALA B 534 -6.35 -43.74 -9.14
CA ALA B 534 -5.51 -44.85 -9.54
C ALA B 534 -5.71 -46.09 -8.65
N THR B 535 -5.25 -47.23 -9.16
CA THR B 535 -5.36 -48.55 -8.54
C THR B 535 -5.56 -48.62 -7.02
C1 NAG C . -47.52 -3.45 10.38
C2 NAG C . -48.51 -2.52 11.06
C3 NAG C . -47.77 -1.33 11.68
C4 NAG C . -46.68 -1.83 12.62
C5 NAG C . -45.77 -2.83 11.90
C6 NAG C . -44.75 -3.48 12.82
C7 NAG C . -50.74 -2.64 10.03
C8 NAG C . -51.00 -3.81 10.93
N2 NAG C . -49.53 -2.06 10.13
O3 NAG C . -48.69 -0.51 12.39
O4 NAG C . -45.89 -0.72 13.03
O5 NAG C . -46.55 -3.89 11.32
O6 NAG C . -45.36 -4.02 13.98
O7 NAG C . -51.58 -2.23 9.23
C1 NAG C . -45.47 -0.40 14.36
C2 NAG C . -44.38 0.66 14.21
C3 NAG C . -44.10 1.32 15.56
C4 NAG C . -45.39 1.82 16.19
C5 NAG C . -46.41 0.69 16.25
C6 NAG C . -47.76 1.15 16.75
C7 NAG C . -42.89 0.10 12.33
C8 NAG C . -41.59 -0.54 11.94
N2 NAG C . -43.16 0.10 13.64
O3 NAG C . -43.18 2.40 15.38
O4 NAG C . -45.14 2.30 17.51
O5 NAG C . -46.63 0.18 14.93
O6 NAG C . -48.82 0.55 16.01
O7 NAG C . -43.66 0.58 11.51
C1 NAG D . -1.89 32.63 11.25
C2 NAG D . -2.89 33.63 11.84
C3 NAG D . -2.13 34.72 12.59
C4 NAG D . -1.29 34.08 13.69
C5 NAG D . -0.35 33.03 13.09
C6 NAG D . 0.40 32.25 14.16
C7 NAG D . -4.99 33.80 10.60
C8 NAG D . -5.48 32.69 11.47
N2 NAG D . -3.74 34.21 10.82
O3 NAG D . -3.04 35.65 13.13
O4 NAG D . -0.54 35.08 14.37
O5 NAG D . -1.08 32.07 12.31
O6 NAG D . -0.08 30.92 14.30
O7 NAG D . -5.70 34.32 9.74
C1 NAG E . 26.65 27.43 -25.04
C2 NAG E . 28.12 27.63 -25.46
C3 NAG E . 28.23 28.72 -26.54
C4 NAG E . 27.30 28.41 -27.70
C5 NAG E . 25.88 28.23 -27.16
C6 NAG E . 24.86 27.91 -28.24
C7 NAG E . 29.65 27.04 -23.65
C8 NAG E . 30.45 27.54 -22.49
N2 NAG E . 28.95 27.97 -24.32
O3 NAG E . 29.58 28.78 -26.99
O4 NAG E . 27.34 29.46 -28.65
O5 NAG E . 25.86 27.16 -26.20
O6 NAG E . 24.92 26.54 -28.65
O7 NAG E . 29.62 25.86 -23.96
C1 NAG F . 28.31 40.78 19.33
C2 NAG F . 28.28 39.93 20.60
C3 NAG F . 27.63 40.70 21.74
C4 NAG F . 28.30 42.06 21.93
C5 NAG F . 28.34 42.82 20.61
C6 NAG F . 29.11 44.12 20.70
C7 NAG F . 28.20 37.50 20.24
C8 NAG F . 27.31 36.31 20.01
N2 NAG F . 27.57 38.68 20.36
O3 NAG F . 27.75 39.94 22.93
O4 NAG F . 27.59 42.83 22.90
O5 NAG F . 28.98 42.02 19.60
O6 NAG F . 30.32 43.96 21.43
O7 NAG F . 29.42 37.40 20.31
C1 EDO G . 44.17 15.99 -15.84
O1 EDO G . 43.28 16.31 -16.93
C2 EDO G . 43.42 16.01 -14.52
O2 EDO G . 42.08 15.53 -14.69
C1 EDO H . 52.98 14.05 2.56
O1 EDO H . 51.87 13.51 3.29
C2 EDO H . 53.90 12.92 2.12
O2 EDO H . 53.09 11.93 1.46
C1 PEG I . 21.63 -0.87 -13.30
O1 PEG I . 22.80 -1.24 -12.69
C2 PEG I . 20.61 -0.54 -12.25
O2 PEG I . 19.30 -0.72 -12.76
C3 PEG I . 18.92 -2.11 -12.87
C4 PEG I . 17.91 -2.47 -11.80
O4 PEG I . 18.39 -3.55 -11.04
C1 GOL J . 39.13 14.78 -11.85
O1 GOL J . 40.26 15.21 -11.09
C2 GOL J . 39.39 13.32 -12.20
O2 GOL J . 40.20 12.79 -11.17
C3 GOL J . 38.11 12.48 -12.33
O3 GOL J . 37.92 11.87 -13.57
C1 EDO K . -0.81 2.15 8.99
O1 EDO K . -0.94 2.49 7.60
C2 EDO K . -1.00 3.39 9.86
O2 EDO K . -2.28 3.99 9.59
C1 EDO L . -6.79 25.50 4.76
O1 EDO L . -7.53 24.43 5.38
C2 EDO L . -7.69 26.71 4.62
O2 EDO L . -8.05 27.21 5.91
OBT FW8 M . 25.45 2.16 15.82
OBT FW8 M . 26.91 3.96 18.51
CBM FW8 M . 25.99 3.06 15.18
CBM FW8 M . 27.17 4.94 17.83
NBS FW8 M . 26.91 2.87 14.24
NBS FW8 M . 26.40 6.01 17.73
CBR FW8 M . 27.57 1.66 13.73
CBR FW8 M . 25.18 6.42 18.41
CBQ FW8 M . 27.69 1.72 12.19
CBQ FW8 M . 25.50 7.67 19.22
CBP FW8 M . 28.16 3.10 11.72
CBP FW8 M . 26.18 8.72 18.33
CBO FW8 M . 27.17 4.17 12.19
CBO FW8 M . 27.44 8.14 17.68
CBN FW8 M . 27.22 4.19 13.72
CBN FW8 M . 27.05 6.93 16.83
CBG FW8 M . 26.33 5.06 14.37
CBG FW8 M . 28.18 6.23 16.40
CBH FW8 M . 25.63 4.34 15.26
CBH FW8 M . 28.24 5.04 17.02
CBI FW8 M . 24.71 4.91 16.05
CBI FW8 M . 29.23 4.20 16.78
CBJ FW8 M . 24.48 6.27 15.98
CBJ FW8 M . 30.24 4.53 15.88
CBK FW8 M . 25.21 7.03 15.08
CBK FW8 M . 30.19 5.76 15.23
CBF FW8 M . 26.16 6.39 14.28
CBF FW8 M . 29.13 6.60 15.52
NBE FW8 M . 26.93 6.99 13.36
NBE FW8 M . 28.90 7.81 14.99
CBC FW8 M . 26.80 8.26 12.91
CBC FW8 M . 29.06 8.08 13.67
OBL FW8 M . 25.97 9.06 13.33
OBL FW8 M . 29.54 7.28 12.87
NBD FW8 M . 27.72 8.56 11.96
NBD FW8 M . 28.67 9.33 13.35
CAY FW8 M . 27.84 9.70 11.26
CAY FW8 M . 28.67 9.88 12.13
CAX FW8 M . 27.13 10.89 11.42
CAX FW8 M . 27.90 11.03 11.96
NBB FW8 M . 28.76 9.61 10.26
NBB FW8 M . 29.34 9.37 11.08
CAZ FW8 M . 29.02 10.67 9.41
CAZ FW8 M . 29.26 10.03 9.83
CBA FW8 M . 28.33 11.85 9.56
CBA FW8 M . 28.50 11.18 9.65
CAW FW8 M . 27.37 11.97 10.56
CAW FW8 M . 27.80 11.68 10.74
CAS FW8 M . 26.76 13.16 10.64
CAS FW8 M . 27.04 12.80 10.61
CAR FW8 M . 26.32 13.78 11.73
CAR FW8 M . 26.55 13.50 11.63
NAV FW8 M . 26.50 13.92 9.58
NAV FW8 M . 26.70 13.38 9.48
NAU FW8 M . 25.93 14.96 10.00
NAU FW8 M . 25.99 14.42 9.79
NAT FW8 M . 25.80 14.92 11.28
NAT FW8 M . 25.88 14.52 11.07
CAQ FW8 M . 25.16 16.02 12.06
CAQ FW8 M . 25.16 15.60 11.81
CAP FW8 M . 24.56 17.01 11.08
CAP FW8 M . 24.62 16.61 10.81
NAO FW8 M . 25.09 18.38 11.23
NAO FW8 M . 25.07 18.00 11.06
CAG FW8 M . 25.94 19.04 10.40
CAG FW8 M . 25.89 18.75 10.28
CAH FW8 M . 25.67 19.29 9.04
CAH FW8 M . 25.62 19.05 8.92
CAM FW8 M . 24.50 18.85 8.38
CAM FW8 M . 24.48 18.58 8.23
CAL FW8 M . 24.24 19.56 7.06
CAL FW8 M . 24.18 19.34 6.95
CAK FW8 M . 25.52 19.50 6.24
CAK FW8 M . 25.47 19.36 6.14
CAJ FW8 M . 26.55 20.34 6.96
CAJ FW8 M . 26.45 20.23 6.90
CAI FW8 M . 26.66 20.00 8.32
CAI FW8 M . 26.57 19.84 8.25
NAN FW8 M . 27.77 20.42 8.94
NAN FW8 M . 27.66 20.29 8.90
CAE FW8 M . 28.02 20.21 10.24
CAE FW8 M . 27.91 20.03 10.18
CAF FW8 M . 27.11 19.50 11.00
CAF FW8 M . 27.03 19.25 10.91
CAA FW8 M . 27.36 19.28 12.35
CAA FW8 M . 27.29 18.96 12.24
CAB FW8 M . 28.53 19.74 12.94
CAB FW8 M . 28.44 19.46 12.86
CAC FW8 M . 29.46 20.44 12.16
CAC FW8 M . 29.32 20.24 12.12
CAD FW8 M . 29.20 20.68 10.82
CAD FW8 M . 29.05 20.53 10.79
C1 PGE N . 27.00 30.84 16.32
O1 PGE N . 27.95 31.48 15.47
C2 PGE N . 25.79 30.44 15.49
O2 PGE N . 24.85 29.78 16.31
C3 PGE N . 23.61 29.46 15.67
C4 PGE N . 22.85 28.51 16.58
O4 PGE N . 20.32 26.50 19.02
C6 PGE N . 21.37 27.01 18.20
C5 PGE N . 20.79 27.31 16.83
O3 PGE N . 21.53 28.30 16.14
S SO4 O . 43.51 22.86 9.28
O1 SO4 O . 44.44 22.67 8.15
O2 SO4 O . 44.24 22.60 10.54
O3 SO4 O . 42.94 24.23 9.25
O4 SO4 O . 42.34 21.93 9.17
C1 NAG P . -19.42 -10.35 -25.55
C2 NAG P . -18.00 -10.19 -26.08
C3 NAG P . -17.97 -9.18 -27.23
C4 NAG P . -18.98 -9.58 -28.30
C5 NAG P . -20.35 -9.73 -27.69
C6 NAG P . -21.41 -10.20 -28.67
C7 NAG P . -16.31 -10.58 -24.33
C8 NAG P . -15.47 -9.95 -23.27
N2 NAG P . -17.11 -9.75 -25.02
O3 NAG P . -16.66 -9.14 -27.78
O4 NAG P . -19.01 -8.58 -29.33
O5 NAG P . -20.30 -10.71 -26.63
O6 NAG P . -20.93 -11.23 -29.51
O7 NAG P . -16.26 -11.78 -24.58
C1 NAG Q . -16.20 3.25 18.95
C2 NAG Q . -16.84 2.28 19.94
C3 NAG Q . -17.35 3.02 21.17
C4 NAG Q . -16.23 3.86 21.77
C5 NAG Q . -15.63 4.79 20.71
C6 NAG Q . -14.44 5.58 21.22
C7 NAG Q . -17.86 0.23 19.06
C8 NAG Q . -19.05 -0.38 18.40
N2 NAG Q . -17.93 1.53 19.31
O3 NAG Q . -17.83 2.09 22.12
O4 NAG Q . -16.74 4.66 22.85
O5 NAG Q . -15.16 4.00 19.61
O6 NAG Q . -13.22 5.09 20.67
O7 NAG Q . -16.86 -0.45 19.35
C1 EDO R . -6.64 0.03 7.82
O1 EDO R . -7.55 1.03 7.40
C2 EDO R . -5.44 0.03 6.91
O2 EDO R . -5.85 0.49 5.60
C1 GOL S . -7.07 -23.28 -12.47
O1 GOL S . -5.88 -22.91 -11.82
C2 GOL S . -6.89 -24.70 -12.99
O2 GOL S . -6.28 -25.48 -11.99
C3 GOL S . -8.24 -25.26 -13.46
O3 GOL S . -8.22 -26.65 -13.70
C1 EDO T . -50.16 -9.94 7.23
O1 EDO T . -49.60 -8.65 6.95
C2 EDO T . -49.16 -11.02 6.84
O2 EDO T . -47.93 -10.82 7.56
C1 EDO U . -52.65 -10.20 4.68
O1 EDO U . -53.83 -9.68 5.30
C2 EDO U . -52.95 -11.53 4.00
O2 EDO U . -53.12 -12.57 4.97
OBT FW8 V . -20.82 -35.38 15.43
OBT FW8 V . -19.09 -33.55 18.13
CBM FW8 V . -20.28 -34.51 14.74
CBM FW8 V . -18.87 -32.59 17.41
NBS FW8 V . -19.30 -34.73 13.90
NBS FW8 V . -19.64 -31.52 17.32
CBR FW8 V . -18.65 -35.98 13.47
CBR FW8 V . -20.84 -31.10 18.04
CBQ FW8 V . -18.74 -36.10 11.95
CBQ FW8 V . -20.51 -29.80 18.78
CBP FW8 V . -18.39 -34.76 11.30
CBP FW8 V . -19.88 -28.79 17.82
CBO FW8 V . -19.33 -33.67 11.82
CBO FW8 V . -18.63 -29.37 17.17
CBN FW8 V . -19.00 -33.46 13.28
CBN FW8 V . -19.02 -30.62 16.38
CBG FW8 V . -19.85 -32.53 13.92
CBG FW8 V . -17.89 -31.32 15.93
CBH FW8 V . -20.60 -33.22 14.80
CBH FW8 V . -17.83 -32.50 16.58
CBI FW8 V . -21.50 -32.60 15.56
CBI FW8 V . -16.84 -33.36 16.34
CBJ FW8 V . -21.68 -31.22 15.47
CBJ FW8 V . -15.86 -33.04 15.41
CBK FW8 V . -20.90 -30.52 14.58
CBK FW8 V . -15.91 -31.83 14.74
CBF FW8 V . -19.97 -31.20 13.79
CBF FW8 V . -16.97 -30.97 15.04
NBE FW8 V . -19.17 -30.63 12.88
NBE FW8 V . -17.21 -29.77 14.49
CBC FW8 V . -19.30 -29.37 12.37
CBC FW8 V . -17.00 -29.48 13.18
OBL FW8 V . -20.18 -28.58 12.73
OBL FW8 V . -16.45 -30.27 12.40
NBD FW8 V . -18.37 -29.06 11.45
NBD FW8 V . -17.42 -28.23 12.84
CAY FW8 V . -18.27 -27.92 10.72
CAY FW8 V . -17.37 -27.69 11.62
CAX FW8 V . -18.96 -26.70 10.90
CAX FW8 V . -18.15 -26.54 11.43
NBB FW8 V . -17.40 -28.02 9.70
NBB FW8 V . -16.69 -28.19 10.58
CAZ FW8 V . -17.14 -26.98 8.83
CAZ FW8 V . -16.74 -27.54 9.34
CBA FW8 V . -17.80 -25.78 8.99
CBA FW8 V . -17.50 -26.40 9.13
CAW FW8 V . -18.72 -25.62 10.02
CAW FW8 V . -18.23 -25.88 10.20
CAS FW8 V . -19.32 -24.43 10.10
CAS FW8 V . -18.97 -24.77 10.08
CAR FW8 V . -19.71 -23.78 11.18
CAR FW8 V . -19.45 -24.06 11.08
NAV FW8 V . -19.60 -23.67 9.03
NAV FW8 V . -19.33 -24.20 8.93
NAU FW8 V . -20.13 -22.64 9.43
NAU FW8 V . -20.02 -23.18 9.22
NAT FW8 V . -20.23 -22.65 10.71
NAT FW8 V . -20.12 -23.05 10.51
CAQ FW8 V . -20.82 -21.52 11.47
CAQ FW8 V . -20.83 -21.97 11.23
CAP FW8 V . -21.34 -20.49 10.47
CAP FW8 V . -21.29 -20.93 10.22
NAO FW8 V . -20.75 -19.15 10.63
NAO FW8 V . -20.80 -19.56 10.49
CAG FW8 V . -19.90 -18.51 9.79
CAG FW8 V . -19.97 -18.83 9.70
CAH FW8 V . -20.18 -18.27 8.43
CAH FW8 V . -20.24 -18.52 8.34
CAM FW8 V . -21.36 -18.70 7.78
CAM FW8 V . -21.39 -18.99 7.66
CAL FW8 V . -21.62 -17.97 6.49
CAL FW8 V . -21.69 -18.21 6.42
CAK FW8 V . -20.38 -18.10 5.65
CAK FW8 V . -20.43 -18.26 5.58
CAJ FW8 V . -19.31 -17.27 6.33
CAJ FW8 V . -19.42 -17.38 6.31
CAI FW8 V . -19.19 -17.58 7.70
CAI FW8 V . -19.29 -17.75 7.65
NAN FW8 V . -18.06 -17.16 8.30
NAN FW8 V . -18.21 -17.29 8.29
CAE FW8 V . -17.80 -17.38 9.59
CAE FW8 V . -17.93 -17.56 9.58
CAF FW8 V . -18.72 -18.05 10.38
CAF FW8 V . -18.83 -18.33 10.32
CAA FW8 V . -18.47 -18.28 11.72
CAA FW8 V . -18.56 -18.60 11.65
CAB FW8 V . -17.28 -17.82 12.28
CAB FW8 V . -17.41 -18.10 12.25
CAC FW8 V . -16.35 -17.14 11.50
CAC FW8 V . -16.51 -17.32 11.50
CAD FW8 V . -16.61 -16.91 10.14
CAD FW8 V . -16.78 -17.05 10.16
CL CL W . -2.12 -15.40 8.56
C1 PGE X . -18.32 -6.38 15.69
O1 PGE X . -17.24 -6.11 14.79
C2 PGE X . -19.53 -6.79 14.86
O2 PGE X . -20.53 -7.31 15.71
C3 PGE X . -21.54 -8.04 15.02
C4 PGE X . -22.60 -8.52 15.99
O4 PGE X . -25.17 -10.68 18.21
C6 PGE X . -24.07 -10.37 17.37
C5 PGE X . -24.65 -9.77 16.09
O3 PGE X . -23.60 -9.24 15.29
O1 MES Y . -13.26 -2.43 -25.69
C2 MES Y . -12.16 -1.99 -24.82
C3 MES Y . -12.33 -2.33 -23.37
N4 MES Y . -13.64 -1.74 -23.07
C5 MES Y . -14.80 -2.07 -23.90
C6 MES Y . -14.54 -1.86 -25.39
C7 MES Y . -13.94 -1.36 -21.66
C8 MES Y . -12.70 -0.66 -21.08
S MES Y . -12.62 -0.72 -19.38
O1S MES Y . -11.21 -1.04 -18.99
O2S MES Y . -13.41 -1.79 -18.72
O3S MES Y . -13.10 0.56 -18.73
C1 EDO Z . -11.43 -14.81 -23.74
O1 EDO Z . -10.47 -15.41 -22.88
C2 EDO Z . -11.71 -15.88 -24.75
O2 EDO Z . -12.12 -16.88 -23.80
#